data_7OP8
#
_entry.id   7OP8
#
_cell.length_a   1.00
_cell.length_b   1.00
_cell.length_c   1.00
_cell.angle_alpha   90.00
_cell.angle_beta   90.00
_cell.angle_gamma   90.00
#
_symmetry.space_group_name_H-M   'P 1'
#
loop_
_entity.id
_entity.type
_entity.pdbx_description
1 polymer 'Cation-transporting ATPase'
2 non-polymer 'BERYLLIUM TRIFLUORIDE ION'
3 non-polymer 'MAGNESIUM ION'
#
_entity_poly.entity_id   1
_entity_poly.type   'polypeptide(L)'
_entity_poly.pdbx_seq_one_letter_code
;MDGSRGTAPGGDDLRGDRRDSYQGEDREDSHLLGALEDGNHQQSQGHGGGSGFYHHNVNSSSASVLEGVEMAHDELFAGP
VAESVPTSVSAFSHRHGRAESVASFSFYHEQDDQREELEAPPGSLGARLSIDDLDELPFEEEGLSESEMPEQLDTFGIDL
EWGSMNNGYPLIRRSSTHSQFSAHHRLLRRESGVSAASGYTGGRSSQKMRLDNDDLTIAISGFITNRIGFAIYIVLCVLT
GGIAWLFLRWYPKYYVKLVGCATPFRDCQWVVIEDHFNKMTILSIRVKPYNRPLSTVFGTPSRATSWPLAQDPDPVLREL
RSITYCYYKFYYHPVLDKFFCCNGWKDPQWNSMQNARSGLHGDEKAHREAVFGPNSIDVDEQSILQLLVSEILTPFYAFQ
VFSLILWLCDEYYYYAAAILLISAGSIITSLLETKETRRRLREMSRFECEVRVFRGGFWRTFPSSDLVPGDVYEVSDPSL
TQIPADSLLLTGDCIVNESMLTGESVAVSKTPATNETLAKLNPAASTFSHDVDKHFLYCGTKLIRARQRLADTDEAAAVA
LVVRTGFNTTRGALVRSMLVPKPSKFKFYEDSFRYLKVMGCLAGLAFIVSLVNFIRLKLHWTLILLRALDLLTIVVPPAL
PATLTIGTSFAVQRLKGKKIFCTSPQRVNVGGKIDLMCFDKTGTLTEEGLDVLGIRVASRVSNRFTELLTNVDDLTWSCD
SVSNGDEVKPADHVDGSSLKKDKTKPLDPYRAALYVMASCHSLRIVDGVAVGDPLEVKMFEFTGWSYEEGFIAGEVISTE
GRGDISPSIARPPRYMTSQEMSIGEAPPAVGVLRAFDFNPLLRRSSVIARVVGNSGGYALVKGSPECMPEICRPETLPSD
FDELLSYYTHAGYRVIACATKRIPKLNLVSVNRMTRDEVESGLDFVGFIIFENKLKPTTTSVIKELLSSNIGTVMITGDN
IRTAVSVARQCGIIEEHAHCYMPRFIEGNADDCNAKLRWESINNPALELDPWTLLPMPVPPQTDASLPYDVSNIRNYAIA
VTGDVFRWIVDHAPTDVLHRMLVLGKVYARMSPDEKQELVKKFQSIDYSCGFCGDGANDCAALKAADVGISLSEAEASVA
APFTSQIFDIRCVPEVIREGRASLVTSFSCFKYMSLYSFIQFTSVSFLYVSASNLGDFQFLYIDLMLILPIAVFMSWAGP
HSKLCAKRPVSDLVSRKVLVPLLSHVFVCVMIQALAWVAVRQQPWYIPPIVDTEKSNIENSENTTLFFASCFEYILSGVV
LNAGRPFRQSPLETWPFLSAVAVTLIATLLMLLVPPYWLFEFMQLTWMSWTFKITLIAFGFVYFLIAWTGEHYLFLWLAR
FLGRMRQRLFKQPKQRKLYKIVKEKLVFENLYFQ
;
_entity_poly.pdbx_strand_id   A
#
loop_
_chem_comp.id
_chem_comp.type
_chem_comp.name
_chem_comp.formula
BEF non-polymer 'BERYLLIUM TRIFLUORIDE ION' 'Be F3 -1'
MG non-polymer 'MAGNESIUM ION' 'Mg 2'
#
# COMPACT_ATOMS: atom_id res chain seq x y z
N ASP A 74 -18.82 4.26 29.68
CA ASP A 74 -18.41 3.89 31.03
C ASP A 74 -16.97 4.33 31.29
N GLU A 75 -16.33 4.90 30.28
CA GLU A 75 -14.96 5.37 30.40
C GLU A 75 -14.94 6.80 30.94
N LEU A 76 -13.74 7.35 31.13
CA LEU A 76 -13.59 8.68 31.69
C LEU A 76 -14.19 9.75 30.79
N PHE A 77 -13.94 9.65 29.49
CA PHE A 77 -14.42 10.65 28.56
C PHE A 77 -15.91 10.49 28.28
N ALA A 78 -16.51 11.54 27.70
CA ALA A 78 -17.90 11.51 27.26
C ALA A 78 -17.94 12.04 25.83
N GLY A 79 -17.73 11.14 24.88
CA GLY A 79 -17.77 11.47 23.47
C GLY A 79 -17.93 10.22 22.63
N PRO A 80 -17.27 10.18 21.48
CA PRO A 80 -17.22 8.93 20.71
C PRO A 80 -16.52 7.84 21.49
N VAL A 81 -17.02 6.62 21.33
CA VAL A 81 -16.56 5.48 22.11
C VAL A 81 -16.16 4.37 21.14
N ALA A 82 -15.27 3.49 21.61
CA ALA A 82 -14.82 2.36 20.81
C ALA A 82 -15.96 1.38 20.59
N GLU A 83 -16.33 1.17 19.33
CA GLU A 83 -17.44 0.31 18.97
C GLU A 83 -17.12 -0.71 17.88
N SER A 84 -16.10 -0.47 17.06
CA SER A 84 -15.76 -1.38 15.97
C SER A 84 -14.89 -2.50 16.50
N VAL A 85 -15.42 -3.72 16.51
CA VAL A 85 -14.65 -4.90 16.88
C VAL A 85 -13.74 -5.27 15.71
N PRO A 86 -12.55 -5.81 15.96
CA PRO A 86 -11.70 -6.22 14.84
C PRO A 86 -12.22 -7.47 14.17
N THR A 87 -12.24 -7.44 12.85
CA THR A 87 -12.75 -8.54 12.03
C THR A 87 -11.62 -9.11 11.19
N SER A 88 -11.73 -10.40 10.87
CA SER A 88 -10.77 -11.06 10.00
C SER A 88 -11.21 -11.11 8.55
N VAL A 89 -12.40 -10.57 8.24
CA VAL A 89 -12.92 -10.64 6.88
C VAL A 89 -12.12 -9.71 5.98
N SER A 90 -11.53 -10.28 4.93
CA SER A 90 -10.69 -9.53 4.01
C SER A 90 -11.12 -9.73 2.57
N ALA A 91 -12.41 -9.97 2.35
CA ALA A 91 -12.96 -10.06 0.99
C ALA A 91 -14.44 -9.74 1.07
N PHE A 92 -14.91 -8.94 0.11
CA PHE A 92 -16.30 -8.50 0.11
C PHE A 92 -17.17 -9.47 -0.66
N SER A 93 -18.24 -9.94 -0.02
CA SER A 93 -19.21 -10.82 -0.64
C SER A 93 -20.43 -9.99 -1.04
N HIS A 94 -20.72 -9.95 -2.34
CA HIS A 94 -21.84 -9.17 -2.83
C HIS A 94 -23.15 -9.87 -2.48
N ARG A 95 -24.01 -9.18 -1.74
CA ARG A 95 -25.30 -9.74 -1.40
C ARG A 95 -26.23 -9.72 -2.61
N HIS A 96 -27.03 -10.77 -2.75
CA HIS A 96 -27.96 -10.91 -3.86
C HIS A 96 -29.38 -11.01 -3.32
N GLY A 97 -30.28 -10.19 -3.87
CA GLY A 97 -31.66 -10.19 -3.44
C GLY A 97 -32.60 -10.88 -4.41
N ARG A 204 -14.28 -38.81 -0.90
CA ARG A 204 -13.82 -39.52 -2.09
C ARG A 204 -12.70 -38.76 -2.79
N SER A 205 -13.05 -38.02 -3.83
CA SER A 205 -12.07 -37.26 -4.58
C SER A 205 -12.75 -36.09 -5.26
N SER A 206 -11.99 -35.01 -5.45
CA SER A 206 -12.40 -33.80 -6.16
C SER A 206 -13.64 -33.16 -5.53
N GLN A 207 -13.48 -32.72 -4.28
CA GLN A 207 -14.56 -32.05 -3.59
C GLN A 207 -14.55 -30.55 -3.87
N LYS A 208 -15.69 -29.91 -3.61
CA LYS A 208 -15.85 -28.47 -3.75
C LYS A 208 -16.08 -27.87 -2.37
N MET A 209 -15.30 -26.85 -2.04
CA MET A 209 -15.40 -26.23 -0.72
C MET A 209 -15.02 -24.77 -0.82
N ARG A 210 -15.56 -23.96 0.09
CA ARG A 210 -15.38 -22.51 0.06
C ARG A 210 -14.64 -22.07 1.31
N LEU A 211 -13.63 -21.23 1.14
CA LEU A 211 -12.95 -20.62 2.27
C LEU A 211 -13.89 -19.63 2.96
N ASP A 212 -13.98 -19.73 4.29
CA ASP A 212 -14.93 -18.91 5.04
C ASP A 212 -14.50 -17.46 5.08
N ASN A 213 -13.20 -17.20 5.14
CA ASN A 213 -12.72 -15.83 5.30
C ASN A 213 -12.85 -15.05 4.00
N ASP A 214 -12.21 -15.53 2.94
CA ASP A 214 -12.30 -14.94 1.61
C ASP A 214 -13.01 -15.88 0.65
N ASP A 215 -13.92 -15.32 -0.15
CA ASP A 215 -14.78 -16.13 -1.00
C ASP A 215 -14.00 -16.61 -2.22
N LEU A 216 -13.75 -17.90 -2.30
CA LEU A 216 -13.09 -18.47 -3.46
C LEU A 216 -13.83 -19.67 -4.04
N THR A 217 -14.42 -20.52 -3.19
CA THR A 217 -15.06 -21.78 -3.59
C THR A 217 -14.11 -22.66 -4.41
N ILE A 218 -13.02 -23.07 -3.76
CA ILE A 218 -11.97 -23.83 -4.42
C ILE A 218 -12.39 -25.29 -4.61
N ALA A 219 -11.64 -26.01 -5.43
CA ALA A 219 -11.81 -27.44 -5.62
C ALA A 219 -10.48 -28.13 -5.39
N ILE A 220 -10.48 -29.16 -4.58
CA ILE A 220 -9.28 -29.90 -4.22
C ILE A 220 -9.40 -31.29 -4.83
N SER A 221 -8.55 -31.60 -5.81
CA SER A 221 -8.61 -32.88 -6.49
C SER A 221 -7.30 -33.62 -6.30
N GLY A 222 -7.38 -34.86 -5.80
CA GLY A 222 -6.21 -35.63 -5.47
C GLY A 222 -5.90 -36.71 -6.49
N PHE A 223 -4.74 -36.58 -7.15
CA PHE A 223 -4.26 -37.55 -8.11
C PHE A 223 -2.94 -38.14 -7.67
N ILE A 224 -2.60 -39.27 -8.28
CA ILE A 224 -1.32 -39.94 -8.07
C ILE A 224 -0.53 -39.89 -9.38
N THR A 225 0.67 -40.43 -9.37
CA THR A 225 1.51 -40.48 -10.56
C THR A 225 1.30 -41.81 -11.28
N ASN A 226 0.98 -41.75 -12.57
CA ASN A 226 0.60 -42.94 -13.31
C ASN A 226 1.84 -43.69 -13.82
N ARG A 227 1.63 -44.67 -14.68
CA ARG A 227 2.70 -45.55 -15.14
C ARG A 227 3.62 -44.91 -16.18
N ILE A 228 3.26 -43.77 -16.74
CA ILE A 228 4.21 -42.95 -17.49
C ILE A 228 4.82 -41.86 -16.63
N GLY A 229 3.99 -41.06 -15.98
CA GLY A 229 4.44 -40.08 -15.00
C GLY A 229 5.39 -39.05 -15.57
N PHE A 230 6.42 -38.73 -14.78
CA PHE A 230 7.47 -37.82 -15.19
C PHE A 230 8.62 -38.54 -15.90
N ALA A 231 8.53 -39.87 -16.04
CA ALA A 231 9.59 -40.62 -16.70
C ALA A 231 9.71 -40.24 -18.17
N ILE A 232 8.58 -40.05 -18.85
CA ILE A 232 8.60 -39.55 -20.21
C ILE A 232 8.57 -38.03 -20.26
N TYR A 233 8.05 -37.37 -19.22
CA TYR A 233 8.03 -35.91 -19.19
C TYR A 233 9.44 -35.34 -19.10
N ILE A 234 10.32 -36.01 -18.35
CA ILE A 234 11.71 -35.54 -18.21
C ILE A 234 12.42 -35.57 -19.56
N VAL A 235 12.29 -36.69 -20.29
CA VAL A 235 12.98 -36.77 -21.57
C VAL A 235 12.28 -35.91 -22.63
N LEU A 236 10.98 -35.65 -22.46
CA LEU A 236 10.30 -34.71 -23.33
C LEU A 236 10.83 -33.29 -23.13
N CYS A 237 11.08 -32.91 -21.87
CA CYS A 237 11.68 -31.60 -21.59
C CYS A 237 13.13 -31.53 -22.07
N VAL A 238 13.87 -32.63 -21.93
CA VAL A 238 15.27 -32.63 -22.32
C VAL A 238 15.42 -32.52 -23.84
N LEU A 239 14.65 -33.32 -24.59
CA LEU A 239 14.81 -33.35 -26.04
C LEU A 239 14.21 -32.13 -26.73
N THR A 240 13.35 -31.37 -26.06
CA THR A 240 12.79 -30.16 -26.65
C THR A 240 13.62 -28.91 -26.36
N GLY A 241 14.66 -29.03 -25.55
CA GLY A 241 15.43 -27.87 -25.14
C GLY A 241 14.93 -27.15 -23.91
N GLY A 242 13.96 -27.73 -23.19
CA GLY A 242 13.42 -27.11 -22.00
C GLY A 242 12.33 -26.07 -22.24
N ILE A 243 11.98 -25.81 -23.50
CA ILE A 243 10.94 -24.83 -23.80
C ILE A 243 9.57 -25.33 -23.35
N ALA A 244 9.34 -26.64 -23.46
CA ALA A 244 8.02 -27.21 -23.11
C ALA A 244 7.72 -27.05 -21.62
N TRP A 245 8.74 -27.22 -20.76
CA TRP A 245 8.53 -27.06 -19.33
C TRP A 245 8.14 -25.63 -18.98
N LEU A 246 8.84 -24.65 -19.56
CA LEU A 246 8.51 -23.24 -19.32
C LEU A 246 7.14 -22.88 -19.86
N PHE A 247 6.78 -23.40 -21.04
CA PHE A 247 5.48 -23.12 -21.60
C PHE A 247 4.35 -23.79 -20.82
N LEU A 248 4.61 -24.97 -20.25
CA LEU A 248 3.55 -25.75 -19.62
C LEU A 248 3.39 -25.42 -18.15
N ARG A 249 4.41 -24.85 -17.51
CA ARG A 249 4.24 -24.39 -16.14
C ARG A 249 3.29 -23.20 -16.05
N TRP A 250 3.21 -22.39 -17.11
CA TRP A 250 2.25 -21.30 -17.16
C TRP A 250 0.85 -21.77 -17.51
N TYR A 251 0.70 -22.97 -18.09
CA TYR A 251 -0.60 -23.50 -18.49
C TYR A 251 -0.69 -24.92 -17.95
N PRO A 252 -1.04 -25.08 -16.67
CA PRO A 252 -0.89 -26.40 -16.01
C PRO A 252 -2.03 -27.37 -16.23
N LYS A 253 -3.15 -26.95 -16.84
CA LYS A 253 -4.38 -27.71 -16.71
C LYS A 253 -4.35 -29.04 -17.45
N TYR A 254 -3.54 -29.15 -18.51
CA TYR A 254 -3.35 -30.42 -19.19
C TYR A 254 -2.12 -31.19 -18.71
N TYR A 255 -1.24 -30.55 -17.93
CA TYR A 255 -0.20 -31.30 -17.23
C TYR A 255 -0.81 -32.26 -16.23
N VAL A 256 -1.89 -31.82 -15.57
CA VAL A 256 -2.60 -32.67 -14.62
C VAL A 256 -3.22 -33.87 -15.34
N LYS A 257 -3.79 -33.64 -16.53
CA LYS A 257 -4.37 -34.73 -17.30
C LYS A 257 -3.29 -35.69 -17.79
N LEU A 258 -2.13 -35.16 -18.19
CA LEU A 258 -1.09 -36.01 -18.76
C LEU A 258 -0.42 -36.86 -17.68
N VAL A 259 -0.19 -36.28 -16.51
CA VAL A 259 0.57 -36.94 -15.45
C VAL A 259 -0.32 -37.58 -14.41
N GLY A 260 -1.36 -36.87 -13.97
CA GLY A 260 -2.14 -37.34 -12.84
C GLY A 260 -3.04 -38.51 -13.19
N CYS A 261 -3.29 -39.35 -12.18
CA CYS A 261 -4.19 -40.48 -12.26
C CYS A 261 -5.20 -40.39 -11.12
N ALA A 262 -6.47 -40.65 -11.43
CA ALA A 262 -7.57 -40.36 -10.53
C ALA A 262 -7.67 -41.42 -9.44
N THR A 263 -7.49 -41.00 -8.20
CA THR A 263 -7.62 -41.83 -7.01
C THR A 263 -8.34 -41.04 -5.93
N PRO A 264 -8.97 -41.71 -4.97
CA PRO A 264 -9.41 -41.01 -3.76
C PRO A 264 -8.23 -40.46 -2.99
N PHE A 265 -8.39 -39.26 -2.42
CA PHE A 265 -7.27 -38.64 -1.73
C PHE A 265 -7.09 -39.12 -0.30
N ARG A 266 -7.75 -40.21 0.08
CA ARG A 266 -7.41 -40.89 1.33
C ARG A 266 -5.99 -41.44 1.27
N ASP A 267 -5.62 -42.02 0.13
CA ASP A 267 -4.28 -42.55 -0.11
C ASP A 267 -3.78 -42.04 -1.45
N CYS A 268 -3.18 -40.85 -1.45
CA CYS A 268 -2.57 -40.29 -2.65
C CYS A 268 -1.37 -39.46 -2.23
N GLN A 269 -0.73 -38.83 -3.22
CA GLN A 269 0.41 -37.97 -2.94
C GLN A 269 0.46 -36.71 -3.79
N TRP A 270 -0.55 -36.44 -4.61
CA TRP A 270 -0.54 -35.28 -5.49
C TRP A 270 -1.89 -34.61 -5.40
N VAL A 271 -1.93 -33.28 -5.29
CA VAL A 271 -3.21 -32.57 -5.30
C VAL A 271 -3.13 -31.35 -6.19
N VAL A 272 -4.27 -31.00 -6.77
CA VAL A 272 -4.42 -29.81 -7.59
C VAL A 272 -5.53 -28.95 -6.97
N ILE A 273 -5.28 -27.65 -6.94
CA ILE A 273 -6.15 -26.65 -6.34
C ILE A 273 -6.72 -25.80 -7.48
N GLU A 274 -8.04 -25.69 -7.53
CA GLU A 274 -8.73 -24.91 -8.56
C GLU A 274 -9.51 -23.79 -7.90
N ASP A 275 -9.40 -22.58 -8.44
CA ASP A 275 -10.16 -21.45 -7.97
C ASP A 275 -11.40 -21.25 -8.83
N HIS A 276 -12.19 -20.23 -8.48
CA HIS A 276 -13.39 -19.94 -9.26
C HIS A 276 -13.08 -19.17 -10.54
N PHE A 277 -11.86 -18.64 -10.69
CA PHE A 277 -11.42 -18.02 -11.93
C PHE A 277 -10.53 -18.94 -12.74
N ASN A 278 -10.55 -20.24 -12.44
CA ASN A 278 -9.86 -21.29 -13.21
C ASN A 278 -8.34 -21.06 -13.23
N LYS A 279 -7.75 -21.10 -12.04
CA LYS A 279 -6.30 -21.11 -11.89
C LYS A 279 -5.90 -22.38 -11.15
N MET A 280 -4.94 -23.11 -11.73
CA MET A 280 -4.53 -24.41 -11.20
C MET A 280 -3.23 -24.26 -10.43
N THR A 281 -3.19 -24.86 -9.24
CA THR A 281 -1.98 -24.87 -8.43
C THR A 281 -1.70 -26.32 -8.00
N ILE A 282 -0.42 -26.68 -7.93
CA ILE A 282 0.00 -28.06 -7.67
C ILE A 282 0.64 -28.12 -6.29
N LEU A 283 0.11 -28.99 -5.43
CA LEU A 283 0.66 -29.20 -4.10
C LEU A 283 0.82 -30.68 -3.80
N SER A 284 1.52 -30.97 -2.72
CA SER A 284 1.79 -32.33 -2.27
C SER A 284 1.36 -32.48 -0.81
N ILE A 285 1.11 -33.73 -0.42
CA ILE A 285 0.60 -34.05 0.90
C ILE A 285 1.75 -34.58 1.75
N ARG A 286 1.92 -34.01 2.94
CA ARG A 286 2.90 -34.49 3.90
C ARG A 286 2.22 -35.37 4.94
N VAL A 287 2.90 -36.43 5.35
CA VAL A 287 2.36 -37.42 6.27
C VAL A 287 3.26 -37.50 7.49
N LYS A 288 2.66 -37.37 8.68
CA LYS A 288 3.37 -37.40 9.94
C LYS A 288 2.63 -38.33 10.90
N PRO A 289 3.29 -39.34 11.46
CA PRO A 289 2.62 -40.20 12.44
C PRO A 289 2.24 -39.42 13.69
N TYR A 290 1.02 -39.67 14.17
CA TYR A 290 0.45 -38.86 15.24
C TYR A 290 0.08 -39.70 16.47
N ASN A 291 -0.64 -40.80 16.28
CA ASN A 291 -0.90 -41.82 17.32
C ASN A 291 -1.63 -41.26 18.54
N ARG A 292 -2.51 -40.29 18.33
CA ARG A 292 -3.33 -39.71 19.38
C ARG A 292 -4.77 -39.63 18.87
N PRO A 293 -5.75 -39.62 19.79
CA PRO A 293 -7.15 -39.67 19.35
C PRO A 293 -7.60 -38.45 18.56
N LEU A 294 -8.81 -38.59 18.00
CA LEU A 294 -9.37 -37.57 17.11
C LEU A 294 -9.77 -36.30 17.86
N SER A 295 -9.97 -36.37 19.17
CA SER A 295 -10.45 -35.22 19.93
C SER A 295 -9.45 -34.07 19.98
N THR A 296 -8.16 -34.36 19.80
CA THR A 296 -7.14 -33.31 19.87
C THR A 296 -6.80 -32.73 18.50
N VAL A 297 -7.47 -33.16 17.43
CA VAL A 297 -7.34 -32.56 16.12
C VAL A 297 -8.66 -31.99 15.62
N PHE A 298 -9.78 -32.67 15.88
CA PHE A 298 -11.09 -32.20 15.49
C PHE A 298 -12.08 -32.38 16.64
N GLY A 299 -13.36 -32.19 16.37
CA GLY A 299 -14.39 -32.35 17.38
C GLY A 299 -14.87 -31.03 17.96
N ASP A 314 -11.69 -43.88 16.22
CA ASP A 314 -11.40 -42.56 16.78
C ASP A 314 -10.05 -42.44 17.53
N PRO A 315 -9.69 -43.35 18.46
CA PRO A 315 -8.40 -43.18 19.14
C PRO A 315 -7.21 -43.51 18.25
N VAL A 316 -7.33 -44.48 17.35
CA VAL A 316 -6.22 -44.89 16.49
C VAL A 316 -6.18 -43.92 15.31
N LEU A 317 -5.25 -42.98 15.35
CA LEU A 317 -5.10 -41.96 14.30
C LEU A 317 -3.61 -41.69 14.09
N ARG A 318 -3.05 -42.21 13.00
CA ARG A 318 -1.66 -41.91 12.67
C ARG A 318 -1.52 -41.00 11.47
N GLU A 319 -2.53 -40.93 10.61
CA GLU A 319 -2.47 -40.08 9.43
C GLU A 319 -2.73 -38.62 9.82
N LEU A 320 -1.86 -37.74 9.34
CA LEU A 320 -1.94 -36.30 9.58
C LEU A 320 -1.73 -35.57 8.25
N ARG A 321 -2.53 -35.97 7.26
CA ARG A 321 -2.42 -35.44 5.89
C ARG A 321 -2.81 -33.97 5.87
N SER A 322 -1.83 -33.08 5.76
CA SER A 322 -2.04 -31.65 5.78
C SER A 322 -1.49 -31.02 4.50
N ILE A 323 -2.26 -30.11 3.93
CA ILE A 323 -1.88 -29.37 2.73
C ILE A 323 -1.89 -27.89 3.06
N THR A 324 -0.78 -27.22 2.83
CA THR A 324 -0.65 -25.80 3.10
C THR A 324 -0.82 -25.07 1.77
N TYR A 325 -2.06 -24.73 1.45
CA TYR A 325 -2.39 -23.96 0.25
C TYR A 325 -2.56 -22.50 0.65
N CYS A 326 -1.59 -21.67 0.27
CA CYS A 326 -1.58 -20.24 0.57
C CYS A 326 -1.77 -19.98 2.07
N TYR A 327 -1.01 -20.73 2.87
CA TYR A 327 -1.01 -20.70 4.33
C TYR A 327 -2.36 -21.11 4.93
N TYR A 328 -3.22 -21.76 4.14
CA TYR A 328 -4.41 -22.43 4.66
C TYR A 328 -4.05 -23.91 4.85
N LYS A 329 -4.21 -24.41 6.07
CA LYS A 329 -3.78 -25.77 6.41
C LYS A 329 -5.00 -26.68 6.39
N PHE A 330 -5.24 -27.30 5.24
CA PHE A 330 -6.34 -28.25 5.10
C PHE A 330 -5.89 -29.62 5.62
N TYR A 331 -6.67 -30.18 6.53
CA TYR A 331 -6.39 -31.49 7.09
C TYR A 331 -7.40 -32.51 6.60
N TYR A 332 -7.03 -33.79 6.71
CA TYR A 332 -7.88 -34.88 6.28
C TYR A 332 -8.62 -35.46 7.47
N HIS A 333 -9.95 -35.48 7.40
CA HIS A 333 -10.75 -36.14 8.42
C HIS A 333 -10.85 -37.63 8.07
N PRO A 334 -10.42 -38.53 8.95
CA PRO A 334 -10.41 -39.96 8.59
C PRO A 334 -11.77 -40.62 8.68
N VAL A 335 -12.60 -40.20 9.66
CA VAL A 335 -13.94 -40.75 9.79
C VAL A 335 -14.78 -40.37 8.57
N LEU A 336 -14.67 -39.12 8.13
CA LEU A 336 -15.27 -38.68 6.89
C LEU A 336 -14.29 -38.98 5.75
N ASP A 337 -14.53 -38.41 4.57
CA ASP A 337 -13.61 -38.54 3.45
C ASP A 337 -13.38 -37.20 2.76
N LYS A 338 -13.64 -36.10 3.46
CA LYS A 338 -13.57 -34.75 2.89
C LYS A 338 -12.60 -33.89 3.69
N PHE A 339 -11.87 -33.04 2.98
CA PHE A 339 -11.00 -32.08 3.65
C PHE A 339 -11.82 -31.03 4.37
N PHE A 340 -11.35 -30.62 5.53
CA PHE A 340 -12.03 -29.55 6.25
C PHE A 340 -11.50 -28.19 5.80
N CYS A 341 -12.16 -27.14 6.28
CA CYS A 341 -11.89 -25.79 5.78
C CYS A 341 -10.50 -25.31 6.17
N CYS A 342 -10.15 -25.43 7.43
CA CYS A 342 -8.89 -24.94 7.97
C CYS A 342 -8.76 -25.51 9.37
N ASN A 343 -7.71 -25.08 10.10
CA ASN A 343 -7.64 -25.30 11.53
C ASN A 343 -8.03 -24.05 12.30
N GLY A 344 -8.97 -23.27 11.76
CA GLY A 344 -9.41 -22.05 12.43
C GLY A 344 -10.11 -22.32 13.75
N TRP A 345 -11.00 -23.32 13.76
CA TRP A 345 -11.54 -23.83 15.02
C TRP A 345 -10.48 -24.69 15.68
N LYS A 346 -10.13 -24.36 16.92
CA LYS A 346 -8.88 -24.81 17.52
C LYS A 346 -9.09 -25.65 18.78
N ASP A 347 -10.04 -26.58 18.71
CA ASP A 347 -10.28 -27.61 19.72
C ASP A 347 -10.53 -27.02 21.11
N PRO A 348 -11.68 -26.38 21.34
CA PRO A 348 -11.91 -25.74 22.65
C PRO A 348 -12.12 -26.76 23.76
N GLN A 349 -11.18 -26.83 24.69
CA GLN A 349 -11.25 -27.71 25.85
C GLN A 349 -10.89 -26.93 27.12
N TRP A 350 -11.48 -25.74 27.28
CA TRP A 350 -11.23 -24.88 28.42
C TRP A 350 -12.49 -24.56 29.20
N ASN A 351 -13.56 -25.34 29.00
CA ASN A 351 -14.86 -25.01 29.59
C ASN A 351 -14.89 -25.15 31.11
N SER A 352 -14.01 -25.98 31.68
CA SER A 352 -14.11 -26.30 33.11
C SER A 352 -13.70 -25.14 34.01
N MET A 353 -12.98 -24.15 33.48
CA MET A 353 -12.58 -22.91 34.16
C MET A 353 -11.55 -23.15 35.29
N GLN A 354 -11.25 -24.42 35.59
CA GLN A 354 -10.20 -24.75 36.54
C GLN A 354 -8.94 -25.26 35.88
N ASN A 355 -9.05 -25.86 34.70
CA ASN A 355 -7.90 -26.22 33.89
C ASN A 355 -7.47 -25.10 32.95
N ALA A 356 -8.22 -24.00 32.90
CA ALA A 356 -7.83 -22.87 32.07
C ALA A 356 -6.56 -22.21 32.58
N ARG A 357 -6.42 -22.08 33.90
CA ARG A 357 -5.22 -21.50 34.48
C ARG A 357 -4.13 -22.54 34.76
N SER A 358 -4.41 -23.82 34.53
CA SER A 358 -3.42 -24.86 34.78
C SER A 358 -2.33 -24.86 33.71
N GLY A 359 -2.71 -24.69 32.45
CA GLY A 359 -1.76 -24.69 31.35
C GLY A 359 -1.42 -26.09 30.90
N LEU A 360 -0.69 -26.15 29.79
CA LEU A 360 -0.27 -27.43 29.23
C LEU A 360 1.08 -27.86 29.77
N HIS A 361 1.26 -29.17 29.90
CA HIS A 361 2.49 -29.75 30.40
C HIS A 361 2.75 -31.06 29.67
N GLY A 362 4.02 -31.49 29.71
CA GLY A 362 4.40 -32.73 29.07
C GLY A 362 4.58 -32.59 27.56
N ASP A 363 4.29 -33.68 26.85
CA ASP A 363 4.51 -33.74 25.41
C ASP A 363 3.25 -33.35 24.63
N GLU A 364 2.18 -32.95 25.32
CA GLU A 364 0.98 -32.46 24.63
C GLU A 364 1.28 -31.20 23.84
N LYS A 365 2.17 -30.34 24.37
CA LYS A 365 2.58 -29.14 23.65
C LYS A 365 3.27 -29.47 22.33
N ALA A 366 4.03 -30.57 22.29
CA ALA A 366 4.70 -30.96 21.06
C ALA A 366 3.69 -31.35 19.98
N HIS A 367 2.66 -32.11 20.36
CA HIS A 367 1.64 -32.50 19.38
C HIS A 367 0.79 -31.32 18.96
N ARG A 368 0.50 -30.40 19.89
CA ARG A 368 -0.21 -29.18 19.53
C ARG A 368 0.61 -28.33 18.58
N GLU A 369 1.93 -28.27 18.80
CA GLU A 369 2.82 -27.55 17.90
C GLU A 369 2.84 -28.20 16.52
N ALA A 370 2.80 -29.54 16.49
CA ALA A 370 2.75 -30.25 15.21
C ALA A 370 1.46 -29.96 14.46
N VAL A 371 0.34 -29.85 15.17
CA VAL A 371 -0.93 -29.59 14.51
C VAL A 371 -1.02 -28.14 14.06
N PHE A 372 -1.00 -27.20 15.01
CA PHE A 372 -1.31 -25.82 14.70
C PHE A 372 -0.13 -25.04 14.12
N GLY A 373 1.09 -25.57 14.21
CA GLY A 373 2.24 -24.90 13.66
C GLY A 373 2.74 -23.78 14.55
N PRO A 374 3.84 -23.15 14.16
CA PRO A 374 4.40 -22.06 14.97
C PRO A 374 3.51 -20.83 14.95
N ASN A 375 3.63 -20.03 16.02
CA ASN A 375 2.79 -18.84 16.16
C ASN A 375 3.14 -17.76 15.17
N SER A 376 4.41 -17.70 14.73
CA SER A 376 4.85 -16.63 13.86
C SER A 376 4.19 -16.73 12.49
N ILE A 377 3.82 -15.58 11.94
CA ILE A 377 3.24 -15.52 10.59
C ILE A 377 4.42 -15.39 9.62
N ASP A 378 5.04 -16.53 9.33
CA ASP A 378 6.23 -16.60 8.51
C ASP A 378 5.81 -16.91 7.08
N VAL A 379 5.82 -15.88 6.23
CA VAL A 379 5.49 -16.09 4.83
C VAL A 379 6.60 -16.87 4.14
N ASP A 380 6.24 -17.55 3.06
CA ASP A 380 7.22 -18.31 2.29
C ASP A 380 8.15 -17.34 1.58
N GLU A 381 9.44 -17.41 1.90
CA GLU A 381 10.41 -16.53 1.28
C GLU A 381 10.54 -16.85 -0.21
N GLN A 382 10.76 -15.79 -1.00
CA GLN A 382 10.79 -15.92 -2.44
C GLN A 382 11.98 -16.74 -2.91
N SER A 383 11.76 -17.54 -3.95
CA SER A 383 12.79 -18.39 -4.51
C SER A 383 13.43 -17.73 -5.72
N ILE A 384 14.76 -17.84 -5.80
CA ILE A 384 15.49 -17.24 -6.92
C ILE A 384 15.26 -18.03 -8.21
N LEU A 385 14.77 -19.26 -8.12
CA LEU A 385 14.49 -20.08 -9.30
C LEU A 385 13.13 -19.68 -9.87
N GLN A 386 13.12 -18.52 -10.53
CA GLN A 386 12.04 -18.04 -11.40
C GLN A 386 10.81 -17.59 -10.61
N LEU A 387 10.77 -17.85 -9.30
CA LEU A 387 9.61 -17.46 -8.50
C LEU A 387 9.55 -15.94 -8.35
N LEU A 388 10.70 -15.29 -8.12
CA LEU A 388 10.78 -13.85 -8.09
C LEU A 388 11.11 -13.26 -9.46
N VAL A 389 11.80 -14.04 -10.29
CA VAL A 389 12.22 -13.57 -11.61
C VAL A 389 11.01 -13.32 -12.52
N SER A 390 9.93 -14.08 -12.34
CA SER A 390 8.72 -13.90 -13.15
C SER A 390 8.09 -12.53 -12.94
N GLU A 391 8.28 -11.94 -11.75
CA GLU A 391 7.80 -10.58 -11.53
C GLU A 391 8.61 -9.57 -12.33
N ILE A 392 9.94 -9.77 -12.44
CA ILE A 392 10.80 -8.86 -13.19
C ILE A 392 10.94 -9.26 -14.65
N LEU A 393 10.51 -10.46 -15.03
CA LEU A 393 10.58 -10.90 -16.42
C LEU A 393 9.50 -10.18 -17.22
N THR A 394 9.89 -9.11 -17.89
CA THR A 394 9.00 -8.43 -18.82
C THR A 394 8.67 -9.38 -19.97
N PRO A 395 7.42 -9.41 -20.46
CA PRO A 395 7.10 -10.30 -21.60
C PRO A 395 7.88 -9.99 -22.87
N PHE A 396 8.43 -8.78 -23.00
CA PHE A 396 9.29 -8.47 -24.15
C PHE A 396 10.54 -9.36 -24.17
N TYR A 397 10.99 -9.83 -23.00
CA TYR A 397 12.10 -10.78 -22.94
C TYR A 397 11.74 -12.09 -23.61
N ALA A 398 10.45 -12.43 -23.68
CA ALA A 398 10.02 -13.60 -24.44
C ALA A 398 10.35 -13.47 -25.92
N PHE A 399 10.38 -12.23 -26.44
CA PHE A 399 10.87 -12.03 -27.80
C PHE A 399 12.38 -12.14 -27.88
N GLN A 400 13.09 -11.81 -26.79
CA GLN A 400 14.55 -11.72 -26.82
C GLN A 400 15.19 -13.06 -27.17
N VAL A 401 14.73 -14.14 -26.53
CA VAL A 401 15.23 -15.47 -26.84
C VAL A 401 14.92 -15.84 -28.28
N PHE A 402 13.79 -15.34 -28.81
CA PHE A 402 13.49 -15.50 -30.24
C PHE A 402 14.58 -14.89 -31.10
N SER A 403 15.05 -13.68 -30.71
CA SER A 403 16.17 -13.07 -31.41
C SER A 403 17.42 -13.94 -31.30
N LEU A 404 17.65 -14.58 -30.15
CA LEU A 404 18.76 -15.52 -30.03
C LEU A 404 18.59 -16.70 -30.99
N ILE A 405 17.35 -17.11 -31.24
CA ILE A 405 17.11 -18.15 -32.24
C ILE A 405 17.55 -17.66 -33.61
N LEU A 406 17.34 -16.38 -33.90
CA LEU A 406 17.84 -15.81 -35.14
C LEU A 406 19.32 -15.44 -35.07
N TRP A 407 19.95 -15.55 -33.90
CA TRP A 407 21.36 -15.17 -33.75
C TRP A 407 22.23 -16.30 -33.23
N LEU A 408 21.68 -17.52 -33.09
CA LEU A 408 22.49 -18.66 -32.71
C LEU A 408 23.19 -19.31 -33.90
N CYS A 409 22.98 -18.79 -35.11
CA CYS A 409 23.61 -19.31 -36.32
C CYS A 409 24.96 -18.64 -36.60
N ASP A 410 25.57 -18.02 -35.58
CA ASP A 410 26.86 -17.34 -35.67
C ASP A 410 26.89 -16.22 -36.71
N GLU A 411 25.73 -15.66 -37.06
CA GLU A 411 25.69 -14.58 -38.04
C GLU A 411 26.22 -13.29 -37.42
N TYR A 412 25.80 -12.96 -36.21
CA TYR A 412 26.44 -11.95 -35.38
C TYR A 412 26.95 -12.62 -34.10
N TYR A 413 28.19 -13.08 -34.15
CA TYR A 413 28.76 -13.85 -33.03
C TYR A 413 28.96 -12.98 -31.79
N TYR A 414 29.40 -11.73 -31.99
CA TYR A 414 29.68 -10.82 -30.87
C TYR A 414 28.44 -10.06 -30.41
N TYR A 415 27.55 -9.72 -31.34
CA TYR A 415 26.39 -8.89 -31.02
C TYR A 415 25.44 -9.60 -30.07
N ALA A 416 25.09 -10.85 -30.37
CA ALA A 416 24.17 -11.59 -29.51
C ALA A 416 24.75 -11.80 -28.12
N ALA A 417 26.05 -12.09 -28.05
CA ALA A 417 26.69 -12.26 -26.75
C ALA A 417 26.69 -10.96 -25.94
N ALA A 418 26.95 -9.83 -26.60
CA ALA A 418 26.96 -8.55 -25.90
C ALA A 418 25.56 -8.16 -25.41
N ILE A 419 24.54 -8.36 -26.25
CA ILE A 419 23.17 -8.05 -25.84
C ILE A 419 22.73 -8.96 -24.70
N LEU A 420 23.05 -10.26 -24.80
CA LEU A 420 22.73 -11.17 -23.72
C LEU A 420 23.45 -10.78 -22.43
N LEU A 421 24.71 -10.34 -22.54
CA LEU A 421 25.46 -9.91 -21.37
C LEU A 421 24.81 -8.70 -20.69
N ILE A 422 24.48 -7.67 -21.48
CA ILE A 422 23.93 -6.46 -20.87
C ILE A 422 22.53 -6.71 -20.32
N SER A 423 21.71 -7.49 -21.03
CA SER A 423 20.36 -7.79 -20.54
C SER A 423 20.41 -8.64 -19.29
N ALA A 424 21.28 -9.66 -19.26
CA ALA A 424 21.42 -10.50 -18.09
C ALA A 424 21.93 -9.70 -16.90
N GLY A 425 22.90 -8.80 -17.14
CA GLY A 425 23.39 -7.96 -16.06
C GLY A 425 22.33 -7.04 -15.48
N SER A 426 21.55 -6.40 -16.36
CA SER A 426 20.48 -5.51 -15.90
C SER A 426 19.42 -6.28 -15.11
N ILE A 427 19.01 -7.44 -15.63
CA ILE A 427 18.00 -8.26 -14.95
C ILE A 427 18.52 -8.72 -13.59
N ILE A 428 19.77 -9.19 -13.54
CA ILE A 428 20.34 -9.70 -12.29
C ILE A 428 20.45 -8.61 -11.24
N THR A 429 20.91 -7.41 -11.63
CA THR A 429 20.99 -6.33 -10.65
C THR A 429 19.62 -5.91 -10.16
N SER A 430 18.64 -5.82 -11.07
CA SER A 430 17.29 -5.41 -10.64
C SER A 430 16.67 -6.43 -9.70
N LEU A 431 16.76 -7.73 -10.05
CA LEU A 431 16.16 -8.74 -9.19
C LEU A 431 16.90 -8.87 -7.87
N LEU A 432 18.23 -8.69 -7.87
CA LEU A 432 18.99 -8.74 -6.62
C LEU A 432 18.63 -7.57 -5.71
N GLU A 433 18.47 -6.37 -6.29
CA GLU A 433 18.04 -5.22 -5.50
C GLU A 433 16.66 -5.43 -4.92
N THR A 434 15.73 -5.96 -5.74
CA THR A 434 14.38 -6.22 -5.26
C THR A 434 14.37 -7.27 -4.15
N LYS A 435 15.16 -8.33 -4.32
CA LYS A 435 15.23 -9.39 -3.31
C LYS A 435 15.85 -8.89 -2.01
N GLU A 436 16.91 -8.07 -2.11
CA GLU A 436 17.52 -7.49 -0.92
C GLU A 436 16.55 -6.56 -0.19
N THR A 437 15.81 -5.74 -0.95
CA THR A 437 14.82 -4.86 -0.33
C THR A 437 13.72 -5.65 0.37
N ARG A 438 13.23 -6.71 -0.28
CA ARG A 438 12.18 -7.54 0.31
C ARG A 438 12.69 -8.26 1.55
N ARG A 439 13.92 -8.78 1.52
CA ARG A 439 14.46 -9.47 2.67
C ARG A 439 14.73 -8.51 3.82
N ARG A 440 15.13 -7.27 3.51
CA ARG A 440 15.34 -6.26 4.54
C ARG A 440 14.02 -5.87 5.22
N LEU A 441 12.98 -5.67 4.41
CA LEU A 441 11.65 -5.39 4.95
C LEU A 441 11.13 -6.57 5.75
N ARG A 442 11.48 -7.79 5.36
CA ARG A 442 11.07 -8.97 6.13
C ARG A 442 11.85 -9.06 7.42
N GLU A 443 13.11 -8.63 7.44
CA GLU A 443 13.91 -8.74 8.64
C GLU A 443 13.52 -7.71 9.68
N MET A 444 13.03 -6.54 9.29
CA MET A 444 12.29 -5.74 10.28
C MET A 444 10.81 -6.09 10.37
N SER A 445 10.31 -7.00 9.55
CA SER A 445 8.96 -7.50 9.75
C SER A 445 8.90 -8.62 10.78
N ARG A 446 10.06 -9.15 11.20
CA ARG A 446 10.11 -10.24 12.16
C ARG A 446 9.95 -9.69 13.56
N PHE A 447 9.10 -10.32 14.36
CA PHE A 447 8.87 -9.94 15.74
C PHE A 447 9.11 -11.12 16.65
N GLU A 448 9.85 -10.89 17.74
CA GLU A 448 10.00 -11.87 18.80
C GLU A 448 10.18 -11.14 20.12
N CYS A 449 9.46 -11.59 21.15
CA CYS A 449 9.51 -10.97 22.46
C CYS A 449 9.53 -12.05 23.53
N GLU A 450 10.21 -11.77 24.63
CA GLU A 450 10.22 -12.70 25.75
C GLU A 450 8.87 -12.68 26.46
N VAL A 451 8.33 -13.86 26.74
CA VAL A 451 7.05 -14.00 27.42
C VAL A 451 7.18 -15.04 28.52
N ARG A 452 6.51 -14.78 29.65
CA ARG A 452 6.56 -15.69 30.80
C ARG A 452 5.42 -16.69 30.66
N VAL A 453 5.66 -17.72 29.85
CA VAL A 453 4.65 -18.73 29.61
C VAL A 453 4.54 -19.63 30.82
N PHE A 454 3.31 -19.84 31.31
CA PHE A 454 3.05 -20.69 32.47
C PHE A 454 2.80 -22.10 31.97
N ARG A 455 3.83 -22.93 31.98
CA ARG A 455 3.72 -24.31 31.54
C ARG A 455 4.31 -25.23 32.61
N GLY A 456 3.66 -26.37 32.80
CA GLY A 456 4.10 -27.34 33.79
C GLY A 456 4.05 -26.84 35.21
N GLY A 457 3.25 -25.81 35.48
CA GLY A 457 3.23 -25.18 36.79
C GLY A 457 4.34 -24.19 37.02
N PHE A 458 5.14 -23.87 36.00
CA PHE A 458 6.26 -22.97 36.17
C PHE A 458 6.25 -21.90 35.08
N TRP A 459 6.76 -20.72 35.44
CA TRP A 459 6.85 -19.61 34.50
C TRP A 459 8.20 -19.65 33.81
N ARG A 460 8.20 -19.85 32.50
CA ARG A 460 9.43 -19.95 31.72
C ARG A 460 9.47 -18.85 30.67
N THR A 461 10.66 -18.28 30.47
CA THR A 461 10.83 -17.22 29.48
C THR A 461 10.97 -17.86 28.10
N PHE A 462 10.09 -17.49 27.18
CA PHE A 462 10.04 -18.10 25.86
C PHE A 462 9.97 -17.03 24.79
N PRO A 463 10.42 -17.35 23.57
CA PRO A 463 10.23 -16.42 22.46
C PRO A 463 8.75 -16.34 22.07
N SER A 464 8.41 -15.23 21.42
CA SER A 464 7.02 -15.01 21.01
C SER A 464 6.57 -15.98 19.95
N SER A 465 7.48 -16.45 19.09
CA SER A 465 7.13 -17.41 18.04
C SER A 465 7.18 -18.84 18.55
N ASP A 466 6.50 -19.07 19.68
CA ASP A 466 6.45 -20.38 20.32
C ASP A 466 5.07 -20.80 20.76
N LEU A 467 4.19 -19.87 21.13
CA LEU A 467 2.90 -20.18 21.73
C LEU A 467 2.03 -21.02 20.79
N VAL A 468 1.26 -21.92 21.40
CA VAL A 468 0.34 -22.79 20.69
C VAL A 468 -0.94 -22.68 21.53
N PRO A 469 -2.14 -22.87 20.98
CA PRO A 469 -3.36 -22.70 21.78
C PRO A 469 -3.40 -23.58 23.02
N GLY A 470 -3.62 -22.93 24.17
CA GLY A 470 -3.73 -23.56 25.45
C GLY A 470 -2.62 -23.22 26.42
N ASP A 471 -1.48 -22.73 25.93
CA ASP A 471 -0.39 -22.37 26.83
C ASP A 471 -0.72 -21.02 27.44
N VAL A 472 -1.06 -21.01 28.72
CA VAL A 472 -1.54 -19.79 29.34
C VAL A 472 -0.34 -18.92 29.69
N TYR A 473 -0.37 -17.66 29.28
CA TYR A 473 0.82 -16.82 29.35
C TYR A 473 0.54 -15.58 30.17
N GLU A 474 1.59 -14.80 30.40
CA GLU A 474 1.59 -13.73 31.38
C GLU A 474 1.62 -12.38 30.69
N VAL A 475 0.96 -11.40 31.31
CA VAL A 475 0.79 -10.07 30.76
C VAL A 475 1.39 -8.99 31.65
N SER A 476 1.22 -9.12 32.97
CA SER A 476 1.46 -8.02 33.90
C SER A 476 2.91 -7.58 33.96
N ASP A 477 3.86 -8.49 33.70
CA ASP A 477 5.27 -8.14 33.78
C ASP A 477 5.65 -7.21 32.64
N PRO A 478 6.64 -6.32 32.85
CA PRO A 478 7.02 -5.37 31.81
C PRO A 478 7.70 -5.99 30.61
N SER A 479 8.14 -5.14 29.68
CA SER A 479 8.77 -5.48 28.41
C SER A 479 7.84 -6.25 27.47
N LEU A 480 6.54 -6.27 27.75
CA LEU A 480 5.55 -6.83 26.84
C LEU A 480 4.89 -5.68 26.11
N THR A 481 5.61 -5.14 25.12
CA THR A 481 5.11 -3.99 24.38
C THR A 481 4.01 -4.35 23.39
N GLN A 482 3.81 -5.63 23.11
CA GLN A 482 2.76 -6.04 22.19
C GLN A 482 2.18 -7.37 22.66
N ILE A 483 0.96 -7.65 22.23
CA ILE A 483 0.30 -8.93 22.51
C ILE A 483 0.84 -9.96 21.53
N PRO A 484 1.40 -11.06 22.02
CA PRO A 484 2.02 -12.04 21.10
C PRO A 484 1.01 -12.77 20.24
N ALA A 485 -0.06 -13.27 20.86
CA ALA A 485 -1.12 -13.95 20.15
C ALA A 485 -2.45 -13.59 20.78
N ASP A 486 -3.49 -13.53 19.95
CA ASP A 486 -4.81 -13.13 20.44
C ASP A 486 -5.33 -14.15 21.44
N SER A 487 -5.86 -13.67 22.56
CA SER A 487 -6.04 -14.52 23.71
C SER A 487 -7.31 -14.09 24.45
N LEU A 488 -7.52 -14.71 25.61
CA LEU A 488 -8.65 -14.47 26.48
C LEU A 488 -8.11 -14.17 27.87
N LEU A 489 -8.64 -13.15 28.52
CA LEU A 489 -8.18 -12.81 29.85
C LEU A 489 -8.61 -13.86 30.86
N LEU A 490 -7.86 -13.95 31.95
CA LEU A 490 -8.22 -14.81 33.06
C LEU A 490 -8.12 -14.14 34.43
N THR A 491 -7.34 -13.07 34.56
CA THR A 491 -7.18 -12.38 35.85
C THR A 491 -6.69 -10.98 35.57
N GLY A 492 -7.31 -9.98 36.20
CA GLY A 492 -6.85 -8.61 36.09
C GLY A 492 -7.26 -7.91 34.82
N ASP A 493 -7.51 -6.61 34.91
CA ASP A 493 -7.91 -5.82 33.76
C ASP A 493 -6.68 -5.21 33.09
N CYS A 494 -6.88 -4.72 31.86
CA CYS A 494 -5.81 -4.12 31.10
C CYS A 494 -6.41 -3.10 30.13
N ILE A 495 -5.54 -2.29 29.55
CA ILE A 495 -5.91 -1.33 28.51
C ILE A 495 -4.93 -1.51 27.37
N VAL A 496 -5.46 -1.76 26.17
CA VAL A 496 -4.64 -2.00 24.99
C VAL A 496 -5.09 -1.05 23.88
N ASN A 497 -4.21 -0.88 22.90
CA ASN A 497 -4.42 0.06 21.80
C ASN A 497 -4.57 -0.73 20.50
N GLU A 498 -5.81 -0.96 20.09
CA GLU A 498 -6.09 -1.65 18.82
C GLU A 498 -6.22 -0.66 17.67
N SER A 499 -5.22 0.20 17.51
CA SER A 499 -5.25 1.21 16.46
C SER A 499 -4.79 0.66 15.11
N MET A 500 -4.41 -0.61 15.04
CA MET A 500 -4.00 -1.22 13.79
C MET A 500 -4.92 -2.33 13.32
N LEU A 501 -5.55 -3.08 14.23
CA LEU A 501 -6.56 -4.05 13.83
C LEU A 501 -7.93 -3.41 13.63
N THR A 502 -8.20 -2.33 14.34
CA THR A 502 -9.34 -1.45 14.07
C THR A 502 -8.81 -0.06 13.79
N GLY A 503 -9.69 0.80 13.28
CA GLY A 503 -9.32 2.19 13.17
C GLY A 503 -9.54 2.99 14.43
N GLU A 504 -9.95 2.34 15.51
CA GLU A 504 -10.35 3.04 16.73
C GLU A 504 -9.14 3.65 17.41
N SER A 505 -9.13 4.98 17.50
CA SER A 505 -8.01 5.69 18.13
C SER A 505 -8.01 5.49 19.63
N VAL A 506 -9.18 5.26 20.23
CA VAL A 506 -9.27 5.12 21.68
C VAL A 506 -8.70 3.76 22.10
N ALA A 507 -7.90 3.78 23.17
CA ALA A 507 -7.37 2.53 23.73
C ALA A 507 -8.49 1.79 24.44
N VAL A 508 -8.85 0.62 23.93
CA VAL A 508 -9.93 -0.17 24.49
C VAL A 508 -9.46 -0.85 25.77
N SER A 509 -10.32 -0.84 26.78
CA SER A 509 -10.05 -1.47 28.06
C SER A 509 -10.71 -2.84 28.12
N LYS A 510 -9.95 -3.86 28.50
CA LYS A 510 -10.43 -5.23 28.60
C LYS A 510 -10.43 -5.68 30.05
N THR A 511 -11.42 -6.50 30.38
CA THR A 511 -11.68 -7.02 31.71
C THR A 511 -11.67 -8.55 31.67
N PRO A 512 -11.41 -9.22 32.80
CA PRO A 512 -11.29 -10.68 32.80
C PRO A 512 -12.57 -11.39 32.37
N ALA A 513 -12.39 -12.52 31.71
CA ALA A 513 -13.51 -13.33 31.24
C ALA A 513 -13.98 -14.28 32.31
N THR A 514 -15.29 -14.43 32.43
CA THR A 514 -15.88 -15.34 33.41
C THR A 514 -16.08 -16.71 32.75
N ASN A 515 -16.76 -17.61 33.47
CA ASN A 515 -17.01 -18.95 32.93
C ASN A 515 -18.03 -18.90 31.80
N GLU A 516 -19.01 -18.01 31.88
CA GLU A 516 -20.03 -17.91 30.84
C GLU A 516 -19.44 -17.31 29.56
N THR A 517 -18.44 -16.44 29.70
CA THR A 517 -17.82 -15.81 28.54
C THR A 517 -17.08 -16.83 27.69
N LEU A 518 -16.37 -17.76 28.32
CA LEU A 518 -15.61 -18.75 27.56
C LEU A 518 -16.54 -19.76 26.88
N ALA A 519 -17.70 -20.04 27.47
CA ALA A 519 -18.62 -21.02 26.92
C ALA A 519 -19.45 -20.48 25.76
N LYS A 520 -19.10 -19.32 25.20
CA LYS A 520 -19.84 -18.74 24.09
C LYS A 520 -19.04 -18.64 22.80
N LEU A 521 -17.75 -18.31 22.88
CA LEU A 521 -16.99 -18.06 21.66
C LEU A 521 -16.58 -19.36 20.98
N ASN A 522 -16.25 -19.23 19.70
CA ASN A 522 -15.55 -20.27 18.97
C ASN A 522 -14.46 -19.59 18.12
N PRO A 523 -13.30 -20.24 17.98
CA PRO A 523 -12.20 -19.60 17.24
C PRO A 523 -12.43 -19.50 15.76
N ALA A 524 -13.39 -20.24 15.20
CA ALA A 524 -13.65 -20.18 13.77
C ALA A 524 -14.44 -18.95 13.36
N ALA A 525 -14.94 -18.17 14.31
CA ALA A 525 -15.71 -16.98 13.98
C ALA A 525 -14.80 -15.90 13.43
N SER A 526 -15.18 -15.31 12.30
CA SER A 526 -14.40 -14.23 11.72
C SER A 526 -14.53 -12.95 12.55
N THR A 527 -15.75 -12.63 12.97
CA THR A 527 -16.02 -11.45 13.78
C THR A 527 -16.61 -11.87 15.12
N PHE A 528 -16.00 -11.41 16.19
CA PHE A 528 -16.46 -11.75 17.54
C PHE A 528 -17.53 -10.78 18.00
N SER A 529 -18.45 -11.28 18.82
CA SER A 529 -19.50 -10.44 19.38
C SER A 529 -18.92 -9.48 20.41
N HIS A 530 -19.74 -8.50 20.81
CA HIS A 530 -19.30 -7.49 21.77
C HIS A 530 -18.99 -8.08 23.13
N ASP A 531 -19.75 -9.09 23.56
CA ASP A 531 -19.50 -9.72 24.84
C ASP A 531 -18.17 -10.46 24.86
N VAL A 532 -17.84 -11.15 23.77
CA VAL A 532 -16.55 -11.85 23.69
C VAL A 532 -15.42 -10.84 23.55
N ASP A 533 -15.61 -9.81 22.72
CA ASP A 533 -14.58 -8.81 22.49
C ASP A 533 -14.30 -7.98 23.74
N LYS A 534 -15.29 -7.84 24.63
CA LYS A 534 -15.08 -7.12 25.87
C LYS A 534 -14.04 -7.80 26.75
N HIS A 535 -13.93 -9.12 26.67
CA HIS A 535 -12.92 -9.88 27.41
C HIS A 535 -12.07 -10.61 26.38
N PHE A 536 -11.10 -9.91 25.78
CA PHE A 536 -10.29 -10.49 24.72
C PHE A 536 -9.07 -9.64 24.37
N LEU A 537 -7.90 -10.26 24.30
CA LEU A 537 -6.71 -9.62 23.76
C LEU A 537 -6.56 -10.02 22.30
N TYR A 538 -5.98 -9.12 21.51
CA TYR A 538 -5.84 -9.35 20.07
C TYR A 538 -4.37 -9.26 19.68
N CYS A 539 -3.96 -10.14 18.76
CA CYS A 539 -2.56 -10.27 18.41
C CYS A 539 -2.05 -9.04 17.66
N GLY A 540 -0.86 -8.59 18.04
CA GLY A 540 -0.20 -7.49 17.39
C GLY A 540 -0.54 -6.11 17.95
N THR A 541 -1.61 -6.00 18.73
CA THR A 541 -1.99 -4.72 19.31
C THR A 541 -0.99 -4.31 20.38
N LYS A 542 -0.57 -3.05 20.34
CA LYS A 542 0.39 -2.54 21.32
C LYS A 542 -0.26 -2.45 22.69
N LEU A 543 0.36 -3.08 23.67
CA LEU A 543 -0.15 -3.06 25.04
C LEU A 543 0.17 -1.72 25.68
N ILE A 544 -0.83 -1.12 26.31
CA ILE A 544 -0.68 0.18 26.93
C ILE A 544 -0.46 0.06 28.43
N ARG A 545 -1.36 -0.64 29.14
CA ARG A 545 -1.22 -0.77 30.57
C ARG A 545 -1.82 -2.09 31.04
N ALA A 546 -1.18 -2.70 32.04
CA ALA A 546 -1.71 -3.87 32.72
C ALA A 546 -1.56 -3.66 34.22
N ARG A 547 -2.29 -4.46 34.99
CA ARG A 547 -2.23 -4.35 36.45
C ARG A 547 -0.87 -4.85 36.94
N GLN A 548 -0.50 -4.42 38.15
CA GLN A 548 0.76 -4.84 38.74
C GLN A 548 0.58 -6.12 39.56
N GLU A 555 3.33 -13.14 43.25
CA GLU A 555 2.99 -14.05 42.17
C GLU A 555 1.74 -13.60 41.44
N ALA A 556 1.15 -12.49 41.90
CA ALA A 556 -0.02 -11.93 41.23
C ALA A 556 0.37 -11.38 39.86
N ALA A 557 -0.48 -11.63 38.87
CA ALA A 557 -0.18 -11.25 37.51
C ALA A 557 -1.49 -10.96 36.77
N ALA A 558 -1.41 -10.91 35.44
CA ALA A 558 -2.54 -10.65 34.56
C ALA A 558 -2.64 -11.76 33.52
N VAL A 559 -2.64 -13.01 34.01
CA VAL A 559 -2.40 -14.18 33.17
C VAL A 559 -3.53 -14.34 32.14
N ALA A 560 -3.16 -14.78 30.94
CA ALA A 560 -4.09 -14.85 29.81
C ALA A 560 -3.89 -16.14 29.02
N LEU A 561 -4.99 -16.72 28.55
CA LEU A 561 -5.00 -18.00 27.84
C LEU A 561 -5.08 -17.74 26.34
N VAL A 562 -4.09 -18.22 25.60
CA VAL A 562 -4.09 -18.04 24.14
C VAL A 562 -5.10 -18.99 23.52
N VAL A 563 -5.89 -18.48 22.57
CA VAL A 563 -6.90 -19.27 21.89
C VAL A 563 -6.54 -19.50 20.42
N ARG A 564 -5.93 -18.51 19.77
CA ARG A 564 -5.57 -18.61 18.36
C ARG A 564 -4.09 -18.31 18.18
N THR A 565 -3.43 -19.06 17.30
CA THR A 565 -2.03 -18.82 16.94
C THR A 565 -1.87 -18.93 15.44
N GLY A 566 -0.68 -18.55 14.97
CA GLY A 566 -0.35 -18.72 13.56
C GLY A 566 -1.10 -17.75 12.68
N PHE A 567 -1.47 -18.23 11.49
CA PHE A 567 -2.23 -17.42 10.55
C PHE A 567 -3.71 -17.34 10.87
N ASN A 568 -4.19 -18.07 11.88
CA ASN A 568 -5.59 -17.99 12.25
C ASN A 568 -5.90 -16.79 13.15
N THR A 569 -4.88 -16.08 13.61
CA THR A 569 -5.10 -14.83 14.33
C THR A 569 -5.65 -13.78 13.37
N THR A 570 -6.29 -12.76 13.93
CA THR A 570 -6.93 -11.73 13.12
C THR A 570 -5.90 -10.99 12.26
N ARG A 571 -4.76 -10.63 12.85
CA ARG A 571 -3.65 -10.12 12.07
C ARG A 571 -3.16 -11.17 11.07
N GLY A 572 -3.05 -12.42 11.53
CA GLY A 572 -2.61 -13.48 10.63
C GLY A 572 -3.61 -13.76 9.53
N ALA A 573 -4.91 -13.72 9.85
CA ALA A 573 -5.93 -13.96 8.84
C ALA A 573 -5.95 -12.84 7.80
N LEU A 574 -5.80 -11.59 8.24
CA LEU A 574 -5.74 -10.49 7.30
C LEU A 574 -4.49 -10.56 6.42
N VAL A 575 -3.35 -10.92 7.01
CA VAL A 575 -2.12 -11.06 6.25
C VAL A 575 -2.23 -12.19 5.24
N ARG A 576 -2.77 -13.35 5.66
CA ARG A 576 -2.91 -14.49 4.78
C ARG A 576 -3.89 -14.21 3.64
N SER A 577 -5.03 -13.60 3.95
CA SER A 577 -6.00 -13.31 2.89
C SER A 577 -5.55 -12.16 2.00
N MET A 578 -4.56 -11.37 2.44
CA MET A 578 -3.97 -10.38 1.54
C MET A 578 -3.24 -11.06 0.39
N LEU A 579 -2.53 -12.16 0.67
CA LEU A 579 -1.66 -12.80 -0.30
C LEU A 579 -2.36 -13.81 -1.20
N VAL A 580 -3.67 -13.99 -1.06
CA VAL A 580 -4.38 -15.00 -1.84
C VAL A 580 -4.56 -14.60 -3.30
N PRO A 581 -5.19 -13.47 -3.66
CA PRO A 581 -5.43 -13.21 -5.09
C PRO A 581 -4.17 -12.74 -5.79
N LYS A 582 -4.23 -12.74 -7.12
CA LYS A 582 -3.09 -12.37 -7.94
C LYS A 582 -3.52 -11.77 -9.26
N PRO A 583 -3.21 -10.49 -9.52
CA PRO A 583 -3.46 -9.92 -10.85
C PRO A 583 -2.36 -10.26 -11.83
N SER A 584 -2.46 -11.42 -12.47
CA SER A 584 -1.39 -11.92 -13.34
C SER A 584 -1.19 -11.02 -14.56
N LYS A 585 -2.22 -10.90 -15.39
CA LYS A 585 -2.15 -10.08 -16.60
C LYS A 585 -2.99 -8.82 -16.37
N PHE A 586 -2.36 -7.83 -15.75
CA PHE A 586 -2.98 -6.55 -15.44
C PHE A 586 -2.26 -5.37 -16.05
N LYS A 587 -0.92 -5.35 -15.97
CA LYS A 587 -0.12 -4.19 -16.30
C LYS A 587 0.74 -4.37 -17.54
N PHE A 588 1.10 -5.61 -17.89
CA PHE A 588 1.78 -5.87 -19.14
C PHE A 588 0.84 -5.80 -20.33
N TYR A 589 -0.47 -5.77 -20.09
CA TYR A 589 -1.44 -5.63 -21.17
C TYR A 589 -1.37 -4.26 -21.82
N GLU A 590 -0.88 -3.25 -21.08
CA GLU A 590 -0.83 -1.89 -21.62
C GLU A 590 0.29 -1.76 -22.65
N ASP A 591 1.27 -2.65 -22.63
CA ASP A 591 2.27 -2.76 -23.68
C ASP A 591 2.04 -3.97 -24.58
N SER A 592 1.04 -4.80 -24.29
CA SER A 592 0.80 -6.01 -25.07
C SER A 592 0.12 -5.73 -26.40
N PHE A 593 -0.33 -4.50 -26.63
CA PHE A 593 -0.92 -4.14 -27.92
C PHE A 593 -0.06 -3.19 -28.73
N ARG A 594 1.02 -2.66 -28.14
CA ARG A 594 1.84 -1.71 -28.91
C ARG A 594 2.61 -2.43 -30.00
N TYR A 595 3.20 -3.59 -29.70
CA TYR A 595 3.90 -4.32 -30.74
C TYR A 595 2.94 -4.85 -31.80
N LEU A 596 1.66 -4.99 -31.47
CA LEU A 596 0.65 -5.35 -32.47
C LEU A 596 0.56 -4.28 -33.56
N LYS A 597 0.38 -3.01 -33.15
CA LYS A 597 0.29 -1.96 -34.15
C LYS A 597 1.65 -1.65 -34.76
N VAL A 598 2.75 -1.89 -34.04
CA VAL A 598 4.07 -1.74 -34.63
C VAL A 598 4.30 -2.76 -35.74
N MET A 599 3.92 -4.03 -35.53
CA MET A 599 4.10 -5.01 -36.60
C MET A 599 3.10 -4.79 -37.72
N GLY A 600 1.90 -4.28 -37.40
CA GLY A 600 0.98 -3.88 -38.45
C GLY A 600 1.49 -2.73 -39.30
N CYS A 601 2.21 -1.79 -38.68
CA CYS A 601 2.79 -0.69 -39.42
C CYS A 601 3.97 -1.16 -40.28
N LEU A 602 4.86 -1.99 -39.71
CA LEU A 602 6.02 -2.44 -40.46
C LEU A 602 5.67 -3.52 -41.48
N ALA A 603 4.48 -4.12 -41.38
CA ALA A 603 4.01 -5.03 -42.42
C ALA A 603 3.84 -4.30 -43.74
N GLY A 604 3.41 -3.04 -43.69
CA GLY A 604 3.31 -2.21 -44.87
C GLY A 604 4.66 -1.95 -45.50
N LEU A 605 5.68 -1.64 -44.69
CA LEU A 605 7.02 -1.46 -45.22
C LEU A 605 7.58 -2.76 -45.81
N ALA A 606 7.31 -3.89 -45.14
CA ALA A 606 7.75 -5.18 -45.66
C ALA A 606 7.08 -5.50 -46.99
N PHE A 607 5.78 -5.20 -47.10
CA PHE A 607 5.07 -5.39 -48.36
C PHE A 607 5.60 -4.45 -49.44
N ILE A 608 5.95 -3.22 -49.08
CA ILE A 608 6.52 -2.27 -50.02
C ILE A 608 7.85 -2.78 -50.57
N VAL A 609 8.71 -3.29 -49.69
CA VAL A 609 10.03 -3.71 -50.14
C VAL A 609 9.98 -5.10 -50.77
N SER A 610 8.91 -5.85 -50.53
CA SER A 610 8.78 -7.16 -51.16
C SER A 610 7.96 -7.12 -52.45
N LEU A 611 7.30 -5.99 -52.75
CA LEU A 611 6.57 -5.90 -54.01
C LEU A 611 7.52 -5.91 -55.20
N VAL A 612 8.73 -5.39 -54.98
CA VAL A 612 9.72 -5.19 -56.04
C VAL A 612 10.71 -6.35 -56.11
N ASN A 613 11.42 -6.63 -55.01
CA ASN A 613 12.56 -7.54 -55.05
C ASN A 613 12.14 -8.99 -55.24
N PHE A 614 10.84 -9.27 -55.15
CA PHE A 614 10.35 -10.64 -55.34
C PHE A 614 10.60 -11.14 -56.76
N ILE A 615 10.61 -10.23 -57.74
CA ILE A 615 10.82 -10.61 -59.13
C ILE A 615 12.13 -10.06 -59.69
N ARG A 616 12.65 -8.95 -59.17
CA ARG A 616 13.78 -8.28 -59.80
C ARG A 616 15.10 -9.01 -59.58
N LEU A 617 15.52 -9.18 -58.32
CA LEU A 617 16.87 -9.67 -58.07
C LEU A 617 16.95 -10.71 -56.95
N LYS A 618 15.83 -11.19 -56.41
CA LYS A 618 15.88 -12.18 -55.35
C LYS A 618 14.94 -13.33 -55.67
N LEU A 619 15.36 -14.54 -55.30
CA LEU A 619 14.59 -15.75 -55.52
C LEU A 619 13.69 -15.96 -54.30
N HIS A 620 13.00 -17.10 -54.24
CA HIS A 620 11.96 -17.27 -53.24
C HIS A 620 12.48 -17.94 -51.96
N TRP A 621 13.37 -18.92 -52.08
CA TRP A 621 13.84 -19.65 -50.90
C TRP A 621 14.72 -18.78 -50.02
N THR A 622 15.56 -17.93 -50.63
CA THR A 622 16.48 -17.06 -49.91
C THR A 622 15.80 -15.83 -49.31
N LEU A 623 14.74 -15.32 -49.94
CA LEU A 623 14.13 -14.06 -49.51
C LEU A 623 13.48 -14.13 -48.12
N ILE A 624 13.06 -15.30 -47.66
CA ILE A 624 12.43 -15.37 -46.34
C ILE A 624 13.43 -15.23 -45.20
N LEU A 625 14.72 -15.35 -45.46
CA LEU A 625 15.68 -15.29 -44.38
C LEU A 625 16.19 -13.89 -44.13
N LEU A 626 16.27 -13.03 -45.15
CA LEU A 626 16.69 -11.67 -44.86
C LEU A 626 15.59 -10.95 -44.08
N ARG A 627 14.33 -11.29 -44.35
CA ARG A 627 13.21 -10.76 -43.56
C ARG A 627 13.16 -11.37 -42.16
N ALA A 628 13.49 -12.66 -42.03
CA ALA A 628 13.46 -13.29 -40.71
C ALA A 628 14.61 -12.81 -39.83
N LEU A 629 15.81 -12.68 -40.41
CA LEU A 629 17.00 -12.33 -39.63
C LEU A 629 17.00 -10.86 -39.22
N ASP A 630 16.53 -9.97 -40.11
CA ASP A 630 16.60 -8.53 -39.85
C ASP A 630 15.26 -7.98 -39.39
N LEU A 631 14.20 -8.14 -40.19
CA LEU A 631 12.95 -7.46 -39.92
C LEU A 631 12.18 -8.08 -38.75
N LEU A 632 12.28 -9.41 -38.58
CA LEU A 632 11.49 -10.07 -37.55
C LEU A 632 12.01 -9.79 -36.15
N THR A 633 13.32 -9.62 -35.99
CA THR A 633 13.91 -9.40 -34.67
C THR A 633 13.87 -7.94 -34.23
N ILE A 634 13.56 -6.99 -35.12
CA ILE A 634 13.57 -5.59 -34.77
C ILE A 634 12.12 -5.10 -34.83
N VAL A 635 11.19 -6.02 -34.56
CA VAL A 635 9.83 -5.59 -34.25
C VAL A 635 9.81 -4.83 -32.93
N VAL A 636 10.65 -5.26 -31.99
CA VAL A 636 11.01 -4.46 -30.82
C VAL A 636 12.51 -4.62 -30.65
N PRO A 637 13.26 -3.52 -30.45
CA PRO A 637 14.71 -3.64 -30.35
C PRO A 637 15.11 -4.37 -29.09
N PRO A 638 16.24 -5.10 -29.11
CA PRO A 638 16.67 -5.84 -27.91
C PRO A 638 17.09 -4.94 -26.76
N ALA A 639 17.41 -3.68 -27.01
CA ALA A 639 17.83 -2.78 -25.94
C ALA A 639 16.65 -2.23 -25.14
N LEU A 640 15.43 -2.33 -25.67
CA LEU A 640 14.25 -1.82 -24.97
C LEU A 640 13.98 -2.50 -23.62
N PRO A 641 13.90 -3.83 -23.51
CA PRO A 641 13.60 -4.41 -22.19
C PRO A 641 14.79 -4.38 -21.25
N ALA A 642 15.99 -4.11 -21.76
CA ALA A 642 17.15 -3.89 -20.90
C ALA A 642 17.29 -2.44 -20.48
N THR A 643 16.65 -1.52 -21.18
CA THR A 643 16.66 -0.12 -20.76
C THR A 643 15.50 0.21 -19.83
N LEU A 644 14.34 -0.44 -20.02
CA LEU A 644 13.23 -0.25 -19.10
C LEU A 644 13.59 -0.71 -17.68
N THR A 645 14.27 -1.85 -17.57
CA THR A 645 14.67 -2.34 -16.25
C THR A 645 15.69 -1.42 -15.60
N ILE A 646 16.62 -0.87 -16.38
CA ILE A 646 17.60 0.07 -15.84
C ILE A 646 16.89 1.34 -15.37
N GLY A 647 15.88 1.80 -16.12
CA GLY A 647 15.14 2.98 -15.71
C GLY A 647 14.36 2.76 -14.42
N THR A 648 13.70 1.60 -14.30
CA THR A 648 13.01 1.30 -13.05
C THR A 648 13.98 1.10 -11.89
N SER A 649 15.16 0.56 -12.15
CA SER A 649 16.16 0.43 -11.10
C SER A 649 16.65 1.80 -10.63
N PHE A 650 16.84 2.73 -11.57
CA PHE A 650 17.21 4.09 -11.20
C PHE A 650 16.11 4.76 -10.38
N ALA A 651 14.85 4.54 -10.77
CA ALA A 651 13.73 5.08 -10.00
C ALA A 651 13.68 4.49 -8.60
N VAL A 652 13.90 3.18 -8.48
CA VAL A 652 13.87 2.52 -7.17
C VAL A 652 15.00 3.04 -6.28
N GLN A 653 16.19 3.23 -6.85
CA GLN A 653 17.30 3.76 -6.07
C GLN A 653 17.05 5.21 -5.67
N ARG A 654 16.45 6.01 -6.56
CA ARG A 654 16.14 7.39 -6.22
C ARG A 654 15.10 7.47 -5.10
N LEU A 655 14.16 6.52 -5.09
CA LEU A 655 13.20 6.47 -3.99
C LEU A 655 13.86 6.03 -2.70
N LYS A 656 14.67 4.95 -2.76
CA LYS A 656 15.31 4.42 -1.57
C LYS A 656 16.33 5.39 -0.98
N GLY A 657 16.77 6.37 -1.76
CA GLY A 657 17.52 7.48 -1.17
C GLY A 657 16.68 8.25 -0.16
N LYS A 658 15.44 8.56 -0.52
CA LYS A 658 14.56 9.32 0.37
C LYS A 658 13.67 8.42 1.24
N LYS A 659 14.29 7.40 1.86
CA LYS A 659 13.71 6.59 2.93
C LYS A 659 12.36 5.98 2.57
N ILE A 660 12.21 5.53 1.33
CA ILE A 660 11.04 4.75 0.94
C ILE A 660 11.50 3.57 0.10
N PHE A 661 11.08 2.38 0.49
CA PHE A 661 11.50 1.14 -0.15
C PHE A 661 10.41 0.65 -1.09
N CYS A 662 10.83 0.09 -2.21
CA CYS A 662 9.93 -0.44 -3.22
C CYS A 662 10.12 -1.95 -3.31
N THR A 663 9.04 -2.71 -3.11
CA THR A 663 9.11 -4.15 -3.19
C THR A 663 8.74 -4.69 -4.56
N SER A 664 8.08 -3.87 -5.39
CA SER A 664 7.69 -4.28 -6.74
C SER A 664 8.15 -3.17 -7.68
N PRO A 665 9.34 -3.32 -8.27
CA PRO A 665 9.86 -2.25 -9.15
C PRO A 665 9.04 -2.04 -10.40
N GLN A 666 8.19 -2.98 -10.78
CA GLN A 666 7.26 -2.80 -11.88
C GLN A 666 6.12 -1.85 -11.53
N ARG A 667 5.92 -1.52 -10.25
CA ARG A 667 4.84 -0.63 -9.81
C ARG A 667 5.26 0.84 -9.78
N VAL A 668 6.53 1.16 -9.98
CA VAL A 668 6.97 2.54 -9.84
C VAL A 668 6.43 3.39 -10.98
N ASN A 669 6.23 2.82 -12.17
CA ASN A 669 5.68 3.58 -13.28
C ASN A 669 4.15 3.69 -13.23
N VAL A 670 3.50 2.90 -12.39
CA VAL A 670 2.05 2.99 -12.25
C VAL A 670 1.67 4.26 -11.49
N GLY A 671 2.58 4.76 -10.65
CA GLY A 671 2.32 5.94 -9.84
C GLY A 671 2.04 7.21 -10.62
N GLY A 672 2.47 7.28 -11.88
CA GLY A 672 2.12 8.42 -12.70
C GLY A 672 0.68 8.44 -13.15
N LYS A 673 -0.01 7.31 -13.04
CA LYS A 673 -1.41 7.20 -13.42
C LYS A 673 -2.36 7.54 -12.28
N ILE A 674 -1.84 7.96 -11.13
CA ILE A 674 -2.67 8.19 -9.96
C ILE A 674 -3.30 9.58 -10.04
N ASP A 675 -4.62 9.64 -9.97
CA ASP A 675 -5.35 10.90 -9.90
C ASP A 675 -6.12 11.05 -8.59
N LEU A 676 -6.10 10.04 -7.72
CA LEU A 676 -6.65 10.14 -6.38
C LEU A 676 -5.93 9.17 -5.46
N MET A 677 -5.65 9.62 -4.25
CA MET A 677 -5.05 8.80 -3.22
C MET A 677 -6.04 8.62 -2.08
N CYS A 678 -6.16 7.38 -1.59
CA CYS A 678 -7.06 7.06 -0.49
C CYS A 678 -6.25 6.91 0.79
N PHE A 679 -6.70 7.56 1.85
CA PHE A 679 -5.94 7.62 3.10
C PHE A 679 -6.70 6.93 4.22
N ASP A 680 -5.95 6.35 5.16
CA ASP A 680 -6.51 5.95 6.44
C ASP A 680 -6.50 7.17 7.36
N LYS A 681 -6.90 6.99 8.61
CA LYS A 681 -6.89 8.11 9.56
C LYS A 681 -5.91 7.90 10.71
N THR A 682 -6.04 6.84 11.48
CA THR A 682 -5.20 6.64 12.65
C THR A 682 -3.86 6.05 12.24
N GLY A 683 -2.78 6.73 12.60
CA GLY A 683 -1.45 6.33 12.20
C GLY A 683 -1.04 6.83 10.83
N THR A 684 -2.00 6.95 9.91
CA THR A 684 -1.70 7.50 8.60
C THR A 684 -1.74 9.03 8.63
N LEU A 685 -2.90 9.62 8.90
CA LEU A 685 -3.02 11.06 8.95
C LEU A 685 -2.76 11.59 10.35
N THR A 686 -3.55 11.14 11.32
CA THR A 686 -3.40 11.55 12.70
C THR A 686 -2.70 10.46 13.50
N GLU A 687 -2.24 10.84 14.69
CA GLU A 687 -1.57 9.90 15.57
C GLU A 687 -2.57 8.89 16.13
N GLU A 688 -2.04 7.73 16.53
CA GLU A 688 -2.88 6.60 16.93
C GLU A 688 -3.54 6.79 18.28
N GLY A 689 -3.17 7.82 19.05
CA GLY A 689 -3.71 8.01 20.38
C GLY A 689 -4.29 9.40 20.56
N LEU A 690 -5.16 9.50 21.55
CA LEU A 690 -5.74 10.78 21.92
C LEU A 690 -4.68 11.69 22.53
N ASP A 691 -4.81 12.98 22.28
CA ASP A 691 -3.89 13.99 22.79
C ASP A 691 -4.68 15.17 23.35
N VAL A 692 -4.08 15.86 24.31
CA VAL A 692 -4.72 17.01 24.95
C VAL A 692 -4.76 18.17 23.96
N LEU A 693 -5.95 18.74 23.77
CA LEU A 693 -6.12 19.90 22.92
C LEU A 693 -6.03 21.20 23.70
N GLY A 694 -6.70 21.29 24.84
CA GLY A 694 -6.67 22.52 25.61
C GLY A 694 -7.53 22.40 26.84
N ILE A 695 -7.58 23.50 27.59
CA ILE A 695 -8.33 23.59 28.83
C ILE A 695 -9.34 24.72 28.65
N ARG A 696 -10.62 24.42 28.83
CA ARG A 696 -11.64 25.45 28.82
C ARG A 696 -12.21 25.54 30.23
N VAL A 697 -11.60 26.40 31.04
CA VAL A 697 -12.03 26.59 32.41
C VAL A 697 -13.30 27.44 32.44
N ALA A 698 -13.99 27.42 33.57
CA ALA A 698 -15.19 28.21 33.78
C ALA A 698 -14.87 29.36 34.71
N SER A 699 -15.01 30.59 34.20
CA SER A 699 -14.72 31.77 35.00
C SER A 699 -15.81 31.95 36.05
N ARG A 700 -15.39 32.33 37.27
CA ARG A 700 -16.34 32.55 38.35
C ARG A 700 -17.09 33.85 38.18
N VAL A 701 -16.42 34.90 37.68
CA VAL A 701 -17.04 36.22 37.59
C VAL A 701 -18.11 36.24 36.50
N SER A 702 -17.87 35.59 35.36
CA SER A 702 -18.80 35.62 34.25
C SER A 702 -19.71 34.40 34.18
N ASN A 703 -19.43 33.37 34.97
CA ASN A 703 -20.21 32.12 34.99
C ASN A 703 -20.28 31.48 33.61
N ARG A 704 -19.18 31.53 32.87
CA ARG A 704 -19.10 30.97 31.53
C ARG A 704 -17.70 30.45 31.30
N PHE A 705 -17.51 29.78 30.16
CA PHE A 705 -16.19 29.33 29.75
C PHE A 705 -15.37 30.50 29.22
N THR A 706 -14.08 30.27 29.02
CA THR A 706 -13.18 31.37 28.66
C THR A 706 -12.63 31.26 27.25
N GLU A 707 -11.88 30.20 26.93
CA GLU A 707 -11.15 30.07 25.68
C GLU A 707 -10.55 28.67 25.65
N LEU A 708 -10.15 28.23 24.46
CA LEU A 708 -9.65 26.87 24.29
C LEU A 708 -8.35 26.63 25.07
N LEU A 709 -7.45 27.62 25.07
CA LEU A 709 -6.19 27.61 25.82
C LEU A 709 -5.32 26.40 25.42
N THR A 710 -4.91 26.40 24.15
CA THR A 710 -4.13 25.30 23.61
C THR A 710 -2.75 25.23 24.26
N ASN A 711 -2.05 26.35 24.33
CA ASN A 711 -0.74 26.40 24.95
C ASN A 711 -0.89 26.31 26.47
N VAL A 712 0.25 26.12 27.14
CA VAL A 712 0.25 25.99 28.61
C VAL A 712 0.37 27.41 29.18
N ASP A 713 -0.78 28.10 29.21
CA ASP A 713 -0.93 29.35 29.93
C ASP A 713 -1.77 29.17 31.18
N ASP A 714 -2.07 27.91 31.54
CA ASP A 714 -2.80 27.63 32.78
C ASP A 714 -1.98 27.99 34.01
N LEU A 715 -0.64 28.00 33.88
CA LEU A 715 0.21 28.29 35.02
C LEU A 715 0.20 29.76 35.38
N THR A 716 0.26 30.64 34.38
CA THR A 716 0.43 32.08 34.60
C THR A 716 -0.79 32.88 34.16
N TRP A 717 -1.99 32.38 34.47
CA TRP A 717 -3.22 33.13 34.22
C TRP A 717 -4.18 32.88 35.37
N SER A 718 -4.56 33.96 36.07
CA SER A 718 -5.43 33.87 37.24
C SER A 718 -6.87 34.23 36.91
N CYS A 719 -7.10 35.43 36.37
CA CYS A 719 -8.42 35.96 36.03
C CYS A 719 -9.40 35.93 37.18
N LYS A 745 -12.53 34.77 46.19
CA LYS A 745 -12.40 33.43 45.65
C LYS A 745 -11.51 32.56 46.54
N PRO A 746 -12.05 31.45 47.05
CA PRO A 746 -11.23 30.55 47.87
C PRO A 746 -10.25 29.71 47.08
N LEU A 747 -10.46 29.57 45.77
CA LEU A 747 -9.58 28.76 44.93
C LEU A 747 -9.75 29.20 43.49
N ASP A 748 -8.63 29.47 42.82
CA ASP A 748 -8.68 29.85 41.41
C ASP A 748 -9.01 28.63 40.56
N PRO A 749 -9.92 28.76 39.58
CA PRO A 749 -10.23 27.63 38.71
C PRO A 749 -9.06 27.15 37.89
N TYR A 750 -8.17 28.07 37.48
CA TYR A 750 -7.00 27.68 36.71
C TYR A 750 -6.05 26.81 37.52
N ARG A 751 -5.79 27.19 38.77
CA ARG A 751 -4.91 26.41 39.64
C ARG A 751 -5.51 25.04 39.94
N ALA A 752 -6.82 24.98 40.17
CA ALA A 752 -7.48 23.71 40.43
C ALA A 752 -7.44 22.80 39.19
N ALA A 753 -7.64 23.38 38.01
CA ALA A 753 -7.54 22.60 36.77
C ALA A 753 -6.13 22.07 36.59
N LEU A 754 -5.11 22.91 36.85
CA LEU A 754 -3.73 22.47 36.74
C LEU A 754 -3.41 21.37 37.75
N TYR A 755 -3.94 21.49 38.96
CA TYR A 755 -3.73 20.45 39.97
C TYR A 755 -4.42 19.15 39.59
N VAL A 756 -5.56 19.23 38.90
CA VAL A 756 -6.20 18.02 38.38
C VAL A 756 -5.32 17.41 37.28
N MET A 757 -4.79 18.24 36.40
CA MET A 757 -3.96 17.77 35.28
C MET A 757 -2.69 17.11 35.78
N ALA A 758 -2.06 17.67 36.81
CA ALA A 758 -0.76 17.20 37.29
C ALA A 758 -0.84 16.38 38.57
N SER A 759 -2.02 16.09 39.09
CA SER A 759 -2.08 15.39 40.36
C SER A 759 -3.01 14.18 40.37
N CYS A 760 -4.16 14.26 39.70
CA CYS A 760 -5.18 13.23 39.81
C CYS A 760 -4.77 11.93 39.11
N HIS A 761 -3.74 11.96 38.26
CA HIS A 761 -3.31 10.78 37.55
C HIS A 761 -2.75 9.74 38.50
N SER A 762 -3.19 8.49 38.33
CA SER A 762 -2.63 7.36 39.07
C SER A 762 -1.60 6.63 38.20
N LEU A 763 -0.53 7.35 37.87
CA LEU A 763 0.48 6.88 36.94
C LEU A 763 1.67 6.32 37.71
N ARG A 764 2.10 5.13 37.33
CA ARG A 764 3.30 4.51 37.89
C ARG A 764 4.49 4.90 37.04
N ILE A 765 5.30 5.82 37.55
CA ILE A 765 6.48 6.27 36.81
C ILE A 765 7.53 5.16 36.82
N VAL A 766 8.21 4.98 35.68
CA VAL A 766 9.18 3.90 35.55
C VAL A 766 10.55 4.45 35.18
N ASP A 767 10.64 5.08 34.00
CA ASP A 767 11.91 5.53 33.45
C ASP A 767 11.81 6.95 32.94
N GLY A 768 11.20 7.83 33.73
CA GLY A 768 11.01 9.21 33.35
C GLY A 768 9.75 9.47 32.55
N VAL A 769 9.44 8.58 31.62
CA VAL A 769 8.20 8.66 30.85
C VAL A 769 7.10 7.93 31.60
N ALA A 770 5.93 8.54 31.66
CA ALA A 770 4.81 7.98 32.39
C ALA A 770 4.13 6.87 31.58
N VAL A 771 3.67 5.84 32.29
CA VAL A 771 2.93 4.74 31.68
C VAL A 771 1.63 4.55 32.45
N GLY A 772 0.58 4.23 31.73
CA GLY A 772 -0.74 4.03 32.32
C GLY A 772 -1.82 4.35 31.31
N ASP A 773 -2.95 4.82 31.84
CA ASP A 773 -4.08 5.23 31.02
C ASP A 773 -3.65 6.35 30.08
N PRO A 774 -3.85 6.22 28.77
CA PRO A 774 -3.30 7.21 27.82
C PRO A 774 -3.79 8.63 28.07
N LEU A 775 -5.01 8.80 28.57
CA LEU A 775 -5.47 10.13 28.93
C LEU A 775 -4.63 10.72 30.06
N GLU A 776 -4.34 9.92 31.08
CA GLU A 776 -3.53 10.40 32.21
C GLU A 776 -2.10 10.71 31.77
N VAL A 777 -1.54 9.86 30.89
CA VAL A 777 -0.21 10.10 30.37
C VAL A 777 -0.17 11.40 29.58
N LYS A 778 -1.20 11.63 28.75
CA LYS A 778 -1.19 12.82 27.90
C LYS A 778 -1.38 14.10 28.72
N MET A 779 -2.27 14.08 29.73
CA MET A 779 -2.37 15.28 30.55
C MET A 779 -1.11 15.52 31.39
N PHE A 780 -0.49 14.46 31.91
CA PHE A 780 0.74 14.66 32.67
C PHE A 780 1.87 15.15 31.78
N GLU A 781 1.91 14.73 30.52
CA GLU A 781 2.91 15.26 29.60
C GLU A 781 2.57 16.68 29.13
N PHE A 782 1.27 17.03 29.11
CA PHE A 782 0.88 18.38 28.71
C PHE A 782 1.23 19.39 29.80
N THR A 783 1.01 19.04 31.06
CA THR A 783 1.34 19.99 32.12
C THR A 783 2.85 20.11 32.34
N GLY A 784 3.62 19.09 31.99
CA GLY A 784 5.07 19.16 32.08
C GLY A 784 5.63 19.27 33.47
N TRP A 785 5.08 18.53 34.42
CA TRP A 785 5.55 18.53 35.79
C TRP A 785 6.41 17.29 36.03
N SER A 786 6.83 17.08 37.28
CA SER A 786 7.70 15.97 37.64
C SER A 786 7.05 15.19 38.78
N TYR A 787 6.36 14.10 38.44
CA TYR A 787 5.71 13.27 39.45
C TYR A 787 6.73 12.34 40.11
N GLU A 788 6.71 12.31 41.44
CA GLU A 788 7.59 11.44 42.20
C GLU A 788 6.89 10.10 42.47
N GLU A 789 7.44 9.33 43.40
CA GLU A 789 6.90 8.01 43.73
C GLU A 789 5.51 8.12 44.36
N GLY A 790 4.70 7.09 44.15
CA GLY A 790 3.30 7.12 44.51
C GLY A 790 2.98 6.93 45.97
N PHE A 791 3.29 7.92 46.79
CA PHE A 791 2.97 7.92 48.22
C PHE A 791 2.75 9.37 48.64
N ILE A 792 2.84 9.61 49.95
CA ILE A 792 2.55 10.92 50.55
C ILE A 792 3.41 12.04 49.96
N ALA A 793 4.59 11.73 49.44
CA ALA A 793 5.36 12.71 48.69
C ALA A 793 4.79 12.83 47.28
N GLY A 794 4.46 14.05 46.89
CA GLY A 794 3.83 14.31 45.61
C GLY A 794 4.80 14.91 44.60
N GLU A 795 4.22 15.51 43.56
CA GLU A 795 5.02 16.06 42.48
C GLU A 795 5.54 17.44 42.84
N VAL A 796 6.48 17.93 42.04
CA VAL A 796 7.07 19.25 42.18
C VAL A 796 6.85 20.01 40.88
N ILE A 797 6.49 21.29 41.01
CA ILE A 797 6.32 22.15 39.84
C ILE A 797 7.65 22.30 39.10
N SER A 798 7.56 22.59 37.80
CA SER A 798 8.74 22.83 36.99
C SER A 798 9.49 24.05 37.51
N THR A 799 10.81 23.91 37.65
CA THR A 799 11.65 24.95 38.22
C THR A 799 12.14 25.96 37.20
N GLU A 800 11.45 26.08 36.06
CA GLU A 800 11.82 27.09 35.07
C GLU A 800 11.56 28.50 35.59
N GLY A 801 10.52 28.68 36.41
CA GLY A 801 10.19 29.98 36.94
C GLY A 801 9.19 30.76 36.13
N ARG A 802 8.54 30.14 35.14
CA ARG A 802 7.56 30.82 34.33
C ARG A 802 6.15 30.34 34.63
N ALA A 826 3.01 33.42 41.72
CA ALA A 826 3.65 32.51 42.65
C ALA A 826 2.87 31.20 42.76
N PRO A 827 3.14 30.25 41.86
CA PRO A 827 2.42 28.97 41.91
C PRO A 827 3.12 27.98 42.81
N PRO A 828 2.40 27.39 43.77
CA PRO A 828 3.04 26.44 44.68
C PRO A 828 2.98 25.00 44.19
N ALA A 829 3.58 24.09 44.94
CA ALA A 829 3.57 22.67 44.65
C ALA A 829 2.56 21.95 45.54
N VAL A 830 2.09 20.81 45.06
CA VAL A 830 1.03 20.06 45.72
C VAL A 830 1.42 18.59 45.77
N GLY A 831 1.01 17.91 46.84
CA GLY A 831 1.29 16.51 47.03
C GLY A 831 0.02 15.68 47.12
N VAL A 832 0.14 14.42 46.72
CA VAL A 832 -0.99 13.51 46.63
C VAL A 832 -1.04 12.65 47.88
N LEU A 833 -2.15 12.72 48.60
CA LEU A 833 -2.31 11.89 49.80
C LEU A 833 -2.90 10.52 49.46
N ARG A 834 -4.14 10.50 48.95
CA ARG A 834 -4.78 9.21 48.65
C ARG A 834 -5.59 9.30 47.37
N ALA A 835 -5.50 8.26 46.54
CA ALA A 835 -6.23 8.20 45.28
C ALA A 835 -7.17 7.01 45.26
N PHE A 836 -8.38 7.23 44.75
CA PHE A 836 -9.36 6.17 44.58
C PHE A 836 -9.32 5.66 43.15
N ASP A 837 -9.62 4.37 42.98
CA ASP A 837 -9.62 3.76 41.66
C ASP A 837 -10.78 4.29 40.83
N PHE A 838 -10.55 4.39 39.52
CA PHE A 838 -11.56 4.86 38.58
C PHE A 838 -12.63 3.78 38.44
N ASN A 839 -13.79 4.00 39.08
CA ASN A 839 -14.87 3.04 39.03
C ASN A 839 -15.73 3.30 37.80
N PRO A 840 -15.85 2.34 36.88
CA PRO A 840 -16.72 2.55 35.70
C PRO A 840 -18.18 2.71 36.05
N LEU A 841 -18.65 2.10 37.16
CA LEU A 841 -20.04 2.27 37.58
C LEU A 841 -20.31 3.71 37.98
N LEU A 842 -19.38 4.35 38.69
CA LEU A 842 -19.51 5.75 39.03
C LEU A 842 -19.01 6.68 37.93
N ARG A 843 -18.17 6.15 37.02
CA ARG A 843 -17.66 6.89 35.86
C ARG A 843 -16.90 8.15 36.27
N ARG A 844 -16.06 8.01 37.30
CA ARG A 844 -15.22 9.11 37.75
C ARG A 844 -14.05 8.55 38.54
N SER A 845 -13.04 9.40 38.73
CA SER A 845 -11.87 9.08 39.53
C SER A 845 -11.59 10.26 40.45
N SER A 846 -11.21 9.96 41.69
CA SER A 846 -11.10 10.95 42.73
C SER A 846 -9.74 10.84 43.42
N VAL A 847 -9.18 11.98 43.81
CA VAL A 847 -7.98 12.00 44.62
C VAL A 847 -8.18 13.02 45.74
N ILE A 848 -7.48 12.80 46.85
CA ILE A 848 -7.43 13.71 47.98
C ILE A 848 -5.98 14.13 48.11
N ALA A 849 -5.71 15.41 47.85
CA ALA A 849 -4.38 16.00 47.82
C ALA A 849 -4.21 16.99 48.97
N ARG A 850 -2.98 17.44 49.13
CA ARG A 850 -2.63 18.39 50.19
C ARG A 850 -1.53 19.30 49.68
N VAL A 851 -1.84 20.59 49.56
CA VAL A 851 -0.89 21.55 49.00
C VAL A 851 0.12 21.95 50.07
N VAL A 852 1.34 22.25 49.63
CA VAL A 852 2.40 22.64 50.56
C VAL A 852 2.14 24.03 51.12
N GLY A 853 1.73 24.97 50.27
CA GLY A 853 1.57 26.36 50.66
C GLY A 853 0.43 26.63 51.62
N ASN A 854 -0.80 26.46 51.16
CA ASN A 854 -1.96 26.76 51.99
C ASN A 854 -2.17 25.73 53.10
N SER A 855 -1.60 24.53 52.94
CA SER A 855 -1.68 23.44 53.93
C SER A 855 -3.12 23.04 54.23
N GLY A 856 -3.99 23.13 53.24
CA GLY A 856 -5.38 22.73 53.36
C GLY A 856 -5.66 21.56 52.45
N GLY A 857 -6.59 20.70 52.87
CA GLY A 857 -6.91 19.53 52.08
C GLY A 857 -7.69 19.91 50.83
N TYR A 858 -7.43 19.17 49.74
CA TYR A 858 -8.13 19.37 48.48
C TYR A 858 -8.70 18.04 48.04
N ALA A 859 -9.87 18.08 47.42
CA ALA A 859 -10.45 16.91 46.77
C ALA A 859 -10.60 17.24 45.29
N LEU A 860 -10.02 16.41 44.43
CA LEU A 860 -9.98 16.65 42.99
C LEU A 860 -10.60 15.44 42.31
N VAL A 861 -11.76 15.62 41.68
CA VAL A 861 -12.48 14.53 41.05
C VAL A 861 -12.68 14.87 39.58
N LYS A 862 -12.26 13.98 38.70
CA LYS A 862 -12.52 14.13 37.28
C LYS A 862 -13.26 12.89 36.76
N GLY A 863 -14.27 13.13 35.94
CA GLY A 863 -15.08 12.06 35.40
C GLY A 863 -15.70 12.48 34.10
N SER A 864 -16.82 11.90 33.80
CA SER A 864 -17.42 12.33 32.55
C SER A 864 -18.44 13.43 32.83
N PRO A 865 -18.64 14.33 31.86
CA PRO A 865 -19.78 15.24 31.93
C PRO A 865 -21.09 14.49 31.80
N GLU A 866 -22.19 15.24 32.04
CA GLU A 866 -23.53 14.70 32.33
C GLU A 866 -23.51 13.62 33.43
N CYS A 867 -22.50 13.66 34.29
CA CYS A 867 -22.51 13.00 35.59
C CYS A 867 -21.99 13.88 36.70
N MET A 868 -21.15 14.87 36.39
CA MET A 868 -20.88 15.96 37.33
C MET A 868 -22.11 16.78 37.73
N PRO A 869 -23.03 17.19 36.83
CA PRO A 869 -24.13 18.06 37.27
C PRO A 869 -25.07 17.46 38.30
N GLU A 870 -25.09 16.14 38.47
CA GLU A 870 -25.90 15.52 39.50
C GLU A 870 -25.13 15.28 40.80
N ILE A 871 -23.84 15.65 40.86
CA ILE A 871 -23.08 15.57 42.10
C ILE A 871 -22.35 16.88 42.37
N CYS A 872 -22.78 17.97 41.73
CA CYS A 872 -22.06 19.23 41.78
C CYS A 872 -22.71 20.18 42.78
N ARG A 873 -22.20 21.41 42.82
CA ARG A 873 -22.88 22.53 43.43
C ARG A 873 -23.37 23.43 42.30
N PRO A 874 -24.67 23.50 42.04
CA PRO A 874 -25.16 24.07 40.78
C PRO A 874 -24.98 25.57 40.64
N GLU A 875 -24.54 26.28 41.68
CA GLU A 875 -24.41 27.74 41.57
C GLU A 875 -23.23 28.15 40.72
N THR A 876 -22.21 27.30 40.57
CA THR A 876 -21.02 27.63 39.82
C THR A 876 -21.00 27.05 38.42
N LEU A 877 -21.94 26.20 38.07
CA LEU A 877 -21.96 25.60 36.74
C LEU A 877 -22.40 26.65 35.71
N PRO A 878 -21.68 26.77 34.61
CA PRO A 878 -22.08 27.73 33.57
C PRO A 878 -23.34 27.28 32.84
N SER A 879 -24.06 28.27 32.30
CA SER A 879 -25.27 27.97 31.53
C SER A 879 -24.95 27.32 30.19
N ASP A 880 -23.73 27.46 29.70
CA ASP A 880 -23.33 26.92 28.40
C ASP A 880 -22.76 25.51 28.50
N PHE A 881 -23.10 24.76 29.55
CA PHE A 881 -22.55 23.44 29.75
C PHE A 881 -22.98 22.47 28.66
N ASP A 882 -24.29 22.38 28.43
CA ASP A 882 -24.80 21.43 27.43
C ASP A 882 -24.49 21.89 26.01
N GLU A 883 -24.51 23.20 25.76
CA GLU A 883 -24.18 23.72 24.44
C GLU A 883 -22.73 23.44 24.07
N LEU A 884 -21.81 23.70 25.01
CA LEU A 884 -20.40 23.40 24.76
C LEU A 884 -20.15 21.90 24.68
N LEU A 885 -20.88 21.11 25.46
CA LEU A 885 -20.76 19.67 25.35
C LEU A 885 -21.20 19.16 23.97
N SER A 886 -22.30 19.70 23.46
CA SER A 886 -22.74 19.33 22.12
C SER A 886 -21.72 19.76 21.07
N TYR A 887 -21.14 20.96 21.26
CA TYR A 887 -20.14 21.44 20.31
C TYR A 887 -18.86 20.60 20.33
N TYR A 888 -18.46 20.13 21.51
CA TYR A 888 -17.20 19.40 21.64
C TYR A 888 -17.36 17.89 21.61
N THR A 889 -18.58 17.39 21.49
CA THR A 889 -18.82 15.96 21.25
C THR A 889 -19.31 15.69 19.84
N HIS A 890 -20.30 16.47 19.36
CA HIS A 890 -20.80 16.28 18.01
C HIS A 890 -19.77 16.64 16.95
N ALA A 891 -18.79 17.49 17.27
CA ALA A 891 -17.68 17.71 16.36
C ALA A 891 -16.82 16.45 16.25
N GLY A 892 -16.61 15.75 17.36
CA GLY A 892 -15.86 14.52 17.33
C GLY A 892 -14.87 14.37 18.46
N TYR A 893 -14.58 15.46 19.16
CA TYR A 893 -13.64 15.42 20.26
C TYR A 893 -14.24 14.69 21.45
N ARG A 894 -13.37 14.31 22.39
CA ARG A 894 -13.76 13.65 23.62
C ARG A 894 -13.30 14.50 24.80
N VAL A 895 -14.21 14.78 25.72
CA VAL A 895 -13.93 15.69 26.82
C VAL A 895 -14.10 14.95 28.14
N ILE A 896 -13.42 15.46 29.16
CA ILE A 896 -13.60 15.00 30.54
C ILE A 896 -13.91 16.22 31.37
N ALA A 897 -14.67 16.02 32.45
CA ALA A 897 -15.12 17.11 33.31
C ALA A 897 -14.45 16.95 34.67
N CYS A 898 -13.71 17.97 35.07
CA CYS A 898 -12.99 17.95 36.34
C CYS A 898 -13.60 18.99 37.29
N ALA A 899 -13.49 18.71 38.59
CA ALA A 899 -14.09 19.55 39.60
C ALA A 899 -13.32 19.35 40.90
N THR A 900 -13.51 20.29 41.83
CA THR A 900 -12.73 20.30 43.06
C THR A 900 -13.60 20.70 44.24
N LYS A 901 -13.08 20.47 45.44
CA LYS A 901 -13.66 21.04 46.64
C LYS A 901 -12.59 21.11 47.71
N ARG A 902 -12.82 21.96 48.70
CA ARG A 902 -11.82 22.31 49.70
C ARG A 902 -12.15 21.67 51.03
N ILE A 903 -11.28 20.78 51.50
CA ILE A 903 -11.37 20.20 52.83
C ILE A 903 -10.59 21.10 53.79
N PRO A 904 -11.22 21.69 54.80
CA PRO A 904 -10.52 22.61 55.70
C PRO A 904 -9.55 21.91 56.64
N LYS A 905 -8.88 22.69 57.50
CA LYS A 905 -7.88 22.14 58.40
C LYS A 905 -8.51 21.25 59.47
N LEU A 906 -9.66 21.67 60.02
CA LEU A 906 -10.32 20.87 61.05
C LEU A 906 -10.90 19.59 60.47
N ASN A 907 -11.32 19.61 59.20
CA ASN A 907 -11.78 18.41 58.54
C ASN A 907 -10.65 17.57 57.99
N LEU A 908 -9.42 18.11 57.93
CA LEU A 908 -8.27 17.35 57.49
C LEU A 908 -7.83 16.39 58.59
N VAL A 909 -7.67 15.12 58.23
CA VAL A 909 -7.27 14.06 59.16
C VAL A 909 -5.97 13.47 58.66
N SER A 910 -5.02 13.26 59.58
CA SER A 910 -3.73 12.68 59.20
C SER A 910 -3.89 11.25 58.70
N VAL A 911 -4.69 10.44 59.40
CA VAL A 911 -5.04 9.10 58.95
C VAL A 911 -6.41 9.19 58.27
N ASN A 912 -6.40 9.28 56.95
CA ASN A 912 -7.61 9.59 56.18
C ASN A 912 -8.43 8.32 55.98
N ARG A 913 -9.12 7.93 57.05
CA ARG A 913 -10.10 6.84 56.98
C ARG A 913 -11.50 7.43 56.76
N MET A 914 -11.61 8.19 55.67
CA MET A 914 -12.81 8.94 55.33
C MET A 914 -13.27 8.49 53.96
N THR A 915 -14.57 8.21 53.84
CA THR A 915 -15.10 7.50 52.68
C THR A 915 -15.13 8.39 51.44
N ARG A 916 -15.27 7.74 50.28
CA ARG A 916 -15.26 8.44 49.00
C ARG A 916 -16.46 9.37 48.87
N ASP A 917 -17.63 8.93 49.32
CA ASP A 917 -18.88 9.67 49.09
C ASP A 917 -18.93 11.00 49.82
N GLU A 918 -18.06 11.23 50.81
CA GLU A 918 -18.06 12.52 51.50
C GLU A 918 -17.57 13.64 50.58
N VAL A 919 -16.54 13.36 49.76
CA VAL A 919 -16.00 14.37 48.86
C VAL A 919 -16.62 14.30 47.47
N GLU A 920 -17.59 13.43 47.25
CA GLU A 920 -18.26 13.33 45.96
C GLU A 920 -19.50 14.20 45.87
N SER A 921 -19.80 14.99 46.89
CA SER A 921 -20.96 15.87 46.88
C SER A 921 -20.53 17.29 47.20
N GLY A 922 -21.17 18.26 46.53
CA GLY A 922 -20.94 19.66 46.81
C GLY A 922 -19.70 20.26 46.20
N LEU A 923 -19.08 19.58 45.24
CA LEU A 923 -17.91 20.13 44.56
C LEU A 923 -18.30 21.32 43.69
N ASP A 924 -17.36 22.23 43.51
CA ASP A 924 -17.52 23.27 42.50
C ASP A 924 -16.73 22.92 41.25
N PHE A 925 -17.31 23.27 40.10
CA PHE A 925 -16.75 22.95 38.80
C PHE A 925 -15.68 23.97 38.43
N VAL A 926 -14.73 23.52 37.60
CA VAL A 926 -13.64 24.38 37.15
C VAL A 926 -13.58 24.47 35.63
N GLY A 927 -13.66 23.35 34.93
CA GLY A 927 -13.64 23.43 33.48
C GLY A 927 -13.51 22.06 32.82
N PHE A 928 -13.29 22.12 31.51
CA PHE A 928 -13.20 20.96 30.63
C PHE A 928 -11.77 20.73 30.15
N ILE A 929 -11.42 19.46 29.96
CA ILE A 929 -10.18 19.07 29.30
C ILE A 929 -10.57 18.26 28.06
N ILE A 930 -10.11 18.71 26.90
CA ILE A 930 -10.54 18.18 25.61
C ILE A 930 -9.45 17.27 25.07
N PHE A 931 -9.84 16.09 24.61
CA PHE A 931 -8.94 15.18 23.92
C PHE A 931 -9.32 15.07 22.45
N GLU A 932 -8.33 14.98 21.59
CA GLU A 932 -8.58 14.88 20.15
C GLU A 932 -7.45 14.13 19.49
N ASN A 933 -7.68 13.71 18.25
CA ASN A 933 -6.63 13.12 17.43
C ASN A 933 -5.85 14.25 16.77
N LYS A 934 -4.65 14.53 17.29
CA LYS A 934 -3.79 15.54 16.69
C LYS A 934 -3.29 15.06 15.33
N LEU A 935 -3.42 15.93 14.34
CA LEU A 935 -2.83 15.65 13.04
C LEU A 935 -1.31 15.65 13.16
N LYS A 936 -0.67 14.85 12.31
CA LYS A 936 0.77 14.94 12.18
C LYS A 936 1.12 16.31 11.62
N PRO A 937 2.22 16.93 12.06
CA PRO A 937 2.46 18.35 11.72
C PRO A 937 2.64 18.64 10.25
N THR A 938 2.95 17.64 9.42
CA THR A 938 3.12 17.84 7.99
C THR A 938 1.97 17.30 7.16
N THR A 939 0.95 16.72 7.77
CA THR A 939 -0.14 16.11 7.01
C THR A 939 -0.97 17.16 6.29
N THR A 940 -1.28 18.27 6.96
CA THR A 940 -2.15 19.29 6.38
C THR A 940 -1.54 19.90 5.12
N SER A 941 -0.24 20.20 5.15
CA SER A 941 0.43 20.77 3.99
C SER A 941 0.45 19.78 2.82
N VAL A 942 0.66 18.50 3.10
CA VAL A 942 0.72 17.51 2.03
C VAL A 942 -0.66 17.31 1.41
N ILE A 943 -1.71 17.27 2.22
CA ILE A 943 -3.06 17.14 1.68
C ILE A 943 -3.44 18.38 0.89
N LYS A 944 -3.04 19.57 1.37
CA LYS A 944 -3.31 20.79 0.62
C LYS A 944 -2.61 20.80 -0.74
N GLU A 945 -1.34 20.38 -0.76
CA GLU A 945 -0.60 20.30 -2.03
C GLU A 945 -1.21 19.27 -2.97
N LEU A 946 -1.59 18.10 -2.44
CA LEU A 946 -2.16 17.05 -3.26
C LEU A 946 -3.51 17.46 -3.83
N LEU A 947 -4.31 18.16 -3.04
CA LEU A 947 -5.62 18.60 -3.52
C LEU A 947 -5.47 19.77 -4.49
N SER A 948 -4.47 20.62 -4.28
CA SER A 948 -4.22 21.76 -5.17
C SER A 948 -3.52 21.34 -6.45
N SER A 949 -3.06 20.10 -6.55
CA SER A 949 -2.38 19.61 -7.74
C SER A 949 -3.24 18.62 -8.52
N ASN A 950 -4.56 18.86 -8.54
CA ASN A 950 -5.53 18.12 -9.35
C ASN A 950 -5.56 16.62 -9.03
N ILE A 951 -5.16 16.24 -7.82
CA ILE A 951 -5.28 14.86 -7.35
C ILE A 951 -6.29 14.83 -6.23
N GLY A 952 -7.35 14.06 -6.41
CA GLY A 952 -8.38 13.98 -5.39
C GLY A 952 -7.90 13.24 -4.15
N THR A 953 -8.58 13.49 -3.04
CA THR A 953 -8.29 12.82 -1.78
C THR A 953 -9.59 12.39 -1.14
N VAL A 954 -9.65 11.13 -0.68
CA VAL A 954 -10.73 10.65 0.16
C VAL A 954 -10.10 10.14 1.45
N MET A 955 -10.91 9.58 2.34
CA MET A 955 -10.38 9.02 3.57
C MET A 955 -11.20 7.81 3.95
N ILE A 956 -10.54 6.68 4.14
CA ILE A 956 -11.19 5.42 4.44
C ILE A 956 -10.67 4.96 5.81
N THR A 957 -11.37 5.34 6.86
CA THR A 957 -10.95 5.01 8.22
C THR A 957 -11.77 3.85 8.77
N GLY A 958 -11.60 3.56 10.05
CA GLY A 958 -12.33 2.49 10.69
C GLY A 958 -12.91 2.87 12.04
N ASP A 959 -13.04 4.17 12.29
CA ASP A 959 -13.54 4.66 13.56
C ASP A 959 -14.74 5.59 13.37
N ASN A 960 -15.09 6.32 14.42
CA ASN A 960 -16.34 7.07 14.45
C ASN A 960 -16.40 8.12 13.35
N ILE A 961 -17.61 8.33 12.82
CA ILE A 961 -17.76 9.22 11.67
C ILE A 961 -17.61 10.68 12.07
N ARG A 962 -17.93 11.03 13.32
CA ARG A 962 -17.78 12.42 13.74
C ARG A 962 -16.32 12.81 13.88
N THR A 963 -15.50 11.94 14.47
CA THR A 963 -14.07 12.19 14.55
C THR A 963 -13.44 12.24 13.16
N ALA A 964 -13.89 11.35 12.26
CA ALA A 964 -13.41 11.36 10.90
C ALA A 964 -13.75 12.66 10.19
N VAL A 965 -14.98 13.16 10.38
CA VAL A 965 -15.37 14.42 9.76
C VAL A 965 -14.56 15.58 10.30
N SER A 966 -14.31 15.60 11.62
CA SER A 966 -13.52 16.68 12.20
C SER A 966 -12.08 16.66 11.69
N VAL A 967 -11.49 15.46 11.60
CA VAL A 967 -10.11 15.34 11.11
C VAL A 967 -10.04 15.75 9.64
N ALA A 968 -11.01 15.32 8.82
CA ALA A 968 -11.02 15.72 7.43
C ALA A 968 -11.26 17.21 7.25
N ARG A 969 -12.03 17.82 8.14
CA ARG A 969 -12.23 19.26 8.09
C ARG A 969 -10.94 20.01 8.41
N GLN A 970 -10.22 19.56 9.44
CA GLN A 970 -9.03 20.28 9.87
C GLN A 970 -7.76 19.86 9.13
N CYS A 971 -7.83 18.89 8.23
CA CYS A 971 -6.67 18.53 7.42
C CYS A 971 -6.80 18.99 5.97
N GLY A 972 -7.97 19.42 5.53
CA GLY A 972 -8.14 19.96 4.19
C GLY A 972 -8.75 19.02 3.17
N ILE A 973 -9.16 17.82 3.57
CA ILE A 973 -9.82 16.92 2.63
C ILE A 973 -11.17 17.49 2.22
N ILE A 974 -11.96 17.93 3.19
CA ILE A 974 -13.22 18.62 2.94
C ILE A 974 -12.95 20.11 3.06
N GLU A 975 -13.20 20.84 1.97
CA GLU A 975 -12.90 22.26 1.93
C GLU A 975 -13.85 23.00 2.87
N GLU A 976 -13.36 24.08 3.48
CA GLU A 976 -14.05 24.74 4.59
C GLU A 976 -15.37 25.38 4.18
N HIS A 977 -16.32 25.36 5.13
CA HIS A 977 -17.69 25.84 4.93
C HIS A 977 -18.41 25.09 3.82
N ALA A 978 -18.13 23.79 3.70
CA ALA A 978 -18.87 22.90 2.82
C ALA A 978 -19.55 21.85 3.68
N HIS A 979 -20.86 21.71 3.50
CA HIS A 979 -21.66 20.86 4.37
C HIS A 979 -21.42 19.39 4.08
N CYS A 980 -21.20 18.60 5.14
CA CYS A 980 -21.21 17.16 5.00
C CYS A 980 -22.64 16.66 4.91
N TYR A 981 -22.79 15.43 4.43
CA TYR A 981 -24.12 14.85 4.24
C TYR A 981 -24.04 13.36 4.50
N MET A 982 -24.49 12.96 5.66
CA MET A 982 -24.46 11.57 6.10
C MET A 982 -25.73 10.86 5.67
N PRO A 983 -25.61 9.68 5.03
CA PRO A 983 -26.79 8.88 4.75
C PRO A 983 -27.15 7.99 5.94
N ARG A 984 -28.43 7.98 6.29
CA ARG A 984 -28.95 7.12 7.35
C ARG A 984 -30.20 6.43 6.85
N PHE A 985 -30.39 5.17 7.24
CA PHE A 985 -31.55 4.42 6.79
C PHE A 985 -32.79 4.85 7.56
N ILE A 986 -33.90 5.04 6.84
CA ILE A 986 -35.17 5.36 7.44
C ILE A 986 -36.16 4.26 7.10
N GLU A 987 -37.41 4.42 7.58
CA GLU A 987 -38.49 3.45 7.39
C GLU A 987 -38.14 2.08 7.96
N GLY A 988 -37.32 2.06 9.00
CA GLY A 988 -37.00 0.83 9.72
C GLY A 988 -36.00 -0.11 9.08
N ASN A 989 -36.13 -0.37 7.78
CA ASN A 989 -35.32 -1.39 7.12
C ASN A 989 -33.88 -0.94 7.00
N ALA A 990 -32.96 -1.83 7.34
CA ALA A 990 -31.53 -1.57 7.19
C ALA A 990 -30.78 -2.65 6.43
N ASP A 991 -31.32 -3.87 6.33
CA ASP A 991 -30.69 -4.96 5.58
C ASP A 991 -31.65 -5.54 4.56
N ASP A 992 -32.59 -4.74 4.09
CA ASP A 992 -33.58 -5.16 3.11
C ASP A 992 -33.41 -4.36 1.83
N CYS A 993 -33.81 -4.97 0.71
CA CYS A 993 -33.59 -4.37 -0.60
C CYS A 993 -34.48 -3.16 -0.86
N ASN A 994 -35.57 -3.01 -0.09
CA ASN A 994 -36.54 -1.95 -0.31
C ASN A 994 -36.38 -0.80 0.68
N ALA A 995 -35.25 -0.69 1.35
CA ALA A 995 -35.03 0.36 2.33
C ALA A 995 -34.82 1.70 1.65
N LYS A 996 -35.06 2.77 2.40
CA LYS A 996 -34.89 4.14 1.93
C LYS A 996 -33.82 4.82 2.76
N LEU A 997 -33.00 5.63 2.10
CA LEU A 997 -31.92 6.36 2.75
C LEU A 997 -32.20 7.85 2.73
N ARG A 998 -32.09 8.49 3.89
CA ARG A 998 -32.17 9.94 3.99
C ARG A 998 -30.74 10.47 4.10
N TRP A 999 -30.37 11.34 3.17
CA TRP A 999 -29.02 11.92 3.14
C TRP A 999 -29.09 13.26 3.87
N GLU A 1000 -29.01 13.19 5.19
CA GLU A 1000 -29.21 14.36 6.02
C GLU A 1000 -27.90 15.08 6.27
N SER A 1001 -27.97 16.40 6.36
CA SER A 1001 -26.79 17.18 6.72
C SER A 1001 -26.34 16.82 8.13
N ILE A 1002 -25.02 16.82 8.34
CA ILE A 1002 -24.47 16.32 9.59
C ILE A 1002 -24.73 17.25 10.76
N ASN A 1003 -25.05 18.52 10.50
CA ASN A 1003 -25.35 19.45 11.58
C ASN A 1003 -26.51 20.37 11.22
N ASN A 1004 -27.43 19.91 10.38
CA ASN A 1004 -28.56 20.72 9.96
C ASN A 1004 -29.75 19.81 9.64
N PRO A 1005 -30.98 20.31 9.79
CA PRO A 1005 -32.15 19.54 9.34
C PRO A 1005 -32.25 19.40 7.83
N ALA A 1006 -31.51 20.18 7.06
CA ALA A 1006 -31.59 20.10 5.61
C ALA A 1006 -31.02 18.79 5.09
N LEU A 1007 -31.52 18.36 3.94
CA LEU A 1007 -31.14 17.10 3.34
C LEU A 1007 -31.02 17.26 1.84
N GLU A 1008 -30.44 16.26 1.19
CA GLU A 1008 -30.39 16.22 -0.26
C GLU A 1008 -31.60 15.46 -0.77
N LEU A 1009 -31.71 15.39 -2.09
CA LEU A 1009 -32.76 14.58 -2.70
C LEU A 1009 -32.45 13.11 -2.42
N ASP A 1010 -33.46 12.27 -2.58
CA ASP A 1010 -33.36 10.86 -2.25
C ASP A 1010 -32.33 10.21 -3.18
N PRO A 1011 -31.89 8.92 -2.96
CA PRO A 1011 -30.71 8.41 -3.68
C PRO A 1011 -30.65 8.56 -5.20
N TRP A 1012 -31.79 8.75 -5.88
CA TRP A 1012 -31.81 8.79 -7.34
C TRP A 1012 -30.91 9.88 -7.92
N THR A 1013 -30.95 11.09 -7.36
CA THR A 1013 -30.02 12.15 -7.73
C THR A 1013 -29.55 12.83 -6.45
N LEU A 1014 -28.24 12.89 -6.25
CA LEU A 1014 -27.67 13.45 -5.02
C LEU A 1014 -27.50 14.96 -5.19
N LEU A 1015 -28.62 15.68 -5.16
CA LEU A 1015 -28.58 17.13 -5.21
C LEU A 1015 -29.32 17.72 -4.01
N PRO A 1016 -28.83 18.82 -3.46
CA PRO A 1016 -29.50 19.45 -2.32
C PRO A 1016 -30.79 20.17 -2.71
N MET A 1017 -31.65 20.35 -1.70
CA MET A 1017 -32.85 21.17 -1.85
C MET A 1017 -32.49 22.65 -1.93
N PRO A 1018 -33.30 23.46 -2.65
CA PRO A 1018 -33.13 24.91 -2.65
C PRO A 1018 -33.50 25.54 -1.31
N ARG A 1035 -21.16 26.65 -2.33
CA ARG A 1035 -22.31 25.80 -2.58
C ARG A 1035 -21.87 24.34 -2.69
N ASN A 1036 -20.57 24.15 -2.91
CA ASN A 1036 -20.01 22.81 -3.00
C ASN A 1036 -20.14 22.05 -1.68
N TYR A 1037 -20.19 20.73 -1.78
CA TYR A 1037 -20.49 19.88 -0.63
C TYR A 1037 -19.73 18.57 -0.76
N ALA A 1038 -19.69 17.83 0.34
CA ALA A 1038 -19.02 16.55 0.40
C ALA A 1038 -19.94 15.53 1.07
N ILE A 1039 -19.67 14.26 0.79
CA ILE A 1039 -20.51 13.16 1.27
C ILE A 1039 -19.68 12.29 2.19
N ALA A 1040 -20.21 12.01 3.38
CA ALA A 1040 -19.53 11.19 4.39
C ALA A 1040 -20.40 9.98 4.69
N VAL A 1041 -19.97 8.81 4.25
CA VAL A 1041 -20.76 7.58 4.35
C VAL A 1041 -20.12 6.67 5.38
N THR A 1042 -20.93 6.10 6.26
CA THR A 1042 -20.44 5.14 7.24
C THR A 1042 -20.31 3.76 6.58
N GLY A 1043 -20.09 2.72 7.38
CA GLY A 1043 -19.77 1.42 6.84
C GLY A 1043 -20.95 0.58 6.41
N ASP A 1044 -21.93 0.43 7.29
CA ASP A 1044 -23.09 -0.41 6.99
C ASP A 1044 -23.94 0.19 5.86
N VAL A 1045 -24.03 1.53 5.81
CA VAL A 1045 -24.78 2.16 4.74
C VAL A 1045 -24.08 1.97 3.40
N PHE A 1046 -22.75 2.03 3.37
CA PHE A 1046 -22.04 1.75 2.13
C PHE A 1046 -22.21 0.29 1.72
N ARG A 1047 -22.19 -0.62 2.68
CA ARG A 1047 -22.42 -2.04 2.37
C ARG A 1047 -23.82 -2.27 1.83
N TRP A 1048 -24.80 -1.49 2.31
CA TRP A 1048 -26.14 -1.59 1.76
C TRP A 1048 -26.21 -1.00 0.35
N ILE A 1049 -25.53 0.12 0.13
CA ILE A 1049 -25.60 0.81 -1.17
C ILE A 1049 -24.95 -0.04 -2.26
N VAL A 1050 -23.80 -0.65 -1.96
CA VAL A 1050 -23.02 -1.33 -2.99
C VAL A 1050 -23.75 -2.56 -3.55
N ASP A 1051 -24.71 -3.12 -2.82
CA ASP A 1051 -25.46 -4.27 -3.31
C ASP A 1051 -26.96 -4.05 -3.42
N HIS A 1052 -27.48 -2.88 -3.06
CA HIS A 1052 -28.92 -2.67 -3.17
C HIS A 1052 -29.28 -1.38 -3.88
N ALA A 1053 -28.41 -0.38 -3.83
CA ALA A 1053 -28.70 0.87 -4.51
C ALA A 1053 -28.34 0.77 -5.99
N PRO A 1054 -28.99 1.57 -6.85
CA PRO A 1054 -28.68 1.52 -8.29
C PRO A 1054 -27.25 1.93 -8.60
N THR A 1055 -26.87 1.70 -9.86
CA THR A 1055 -25.50 1.94 -10.30
C THR A 1055 -25.17 3.44 -10.32
N ASP A 1056 -26.13 4.27 -10.74
CA ASP A 1056 -25.91 5.71 -10.78
C ASP A 1056 -25.74 6.27 -9.37
N VAL A 1057 -26.49 5.75 -8.40
CA VAL A 1057 -26.39 6.22 -7.02
C VAL A 1057 -25.01 5.91 -6.46
N LEU A 1058 -24.53 4.69 -6.70
CA LEU A 1058 -23.20 4.29 -6.25
C LEU A 1058 -22.12 5.14 -6.90
N HIS A 1059 -22.26 5.41 -8.20
CA HIS A 1059 -21.26 6.23 -8.89
C HIS A 1059 -21.25 7.66 -8.38
N ARG A 1060 -22.42 8.25 -8.17
CA ARG A 1060 -22.48 9.61 -7.64
C ARG A 1060 -21.93 9.69 -6.22
N MET A 1061 -22.16 8.66 -5.40
CA MET A 1061 -21.60 8.69 -4.05
C MET A 1061 -20.08 8.57 -4.10
N LEU A 1062 -19.55 7.66 -4.94
CA LEU A 1062 -18.11 7.48 -5.04
C LEU A 1062 -17.43 8.73 -5.58
N VAL A 1063 -18.09 9.44 -6.48
CA VAL A 1063 -17.54 10.68 -6.99
C VAL A 1063 -17.60 11.77 -5.92
N LEU A 1064 -18.72 11.92 -5.24
CA LEU A 1064 -18.88 13.00 -4.28
C LEU A 1064 -18.36 12.67 -2.89
N GLY A 1065 -18.13 11.40 -2.58
CA GLY A 1065 -17.74 11.02 -1.24
C GLY A 1065 -16.30 11.42 -0.93
N LYS A 1066 -16.09 11.85 0.32
CA LYS A 1066 -14.76 12.21 0.76
C LYS A 1066 -14.40 11.67 2.13
N VAL A 1067 -15.35 11.17 2.91
CA VAL A 1067 -15.09 10.57 4.21
C VAL A 1067 -15.83 9.24 4.27
N TYR A 1068 -15.10 8.17 4.59
CA TYR A 1068 -15.72 6.87 4.77
C TYR A 1068 -15.24 6.29 6.10
N ALA A 1069 -16.18 6.06 7.01
CA ALA A 1069 -15.86 5.69 8.38
C ALA A 1069 -16.57 4.41 8.78
N ARG A 1070 -16.11 3.84 9.90
CA ARG A 1070 -16.59 2.55 10.43
C ARG A 1070 -16.52 1.44 9.39
N MET A 1071 -15.42 1.42 8.63
CA MET A 1071 -15.26 0.50 7.52
C MET A 1071 -14.42 -0.70 7.93
N SER A 1072 -15.01 -1.88 7.85
CA SER A 1072 -14.27 -3.12 8.01
C SER A 1072 -13.34 -3.31 6.80
N PRO A 1073 -12.28 -4.12 6.96
CA PRO A 1073 -11.30 -4.28 5.86
C PRO A 1073 -11.88 -4.75 4.52
N ASP A 1074 -12.87 -5.64 4.56
CA ASP A 1074 -13.50 -6.08 3.32
C ASP A 1074 -14.23 -4.93 2.64
N GLU A 1075 -14.86 -4.06 3.43
CA GLU A 1075 -15.52 -2.88 2.86
C GLU A 1075 -14.49 -1.90 2.31
N LYS A 1076 -13.32 -1.81 2.93
CA LYS A 1076 -12.25 -0.98 2.38
C LYS A 1076 -11.80 -1.49 1.03
N GLN A 1077 -11.61 -2.82 0.91
CA GLN A 1077 -11.22 -3.40 -0.37
C GLN A 1077 -12.31 -3.20 -1.42
N GLU A 1078 -13.57 -3.34 -1.01
CA GLU A 1078 -14.67 -3.14 -1.96
C GLU A 1078 -14.74 -1.70 -2.44
N LEU A 1079 -14.51 -0.73 -1.55
CA LEU A 1079 -14.53 0.66 -1.98
C LEU A 1079 -13.35 0.98 -2.89
N VAL A 1080 -12.18 0.39 -2.61
CA VAL A 1080 -11.03 0.58 -3.50
C VAL A 1080 -11.32 -0.01 -4.87
N LYS A 1081 -11.92 -1.20 -4.91
CA LYS A 1081 -12.28 -1.82 -6.19
C LYS A 1081 -13.37 -1.03 -6.91
N LYS A 1082 -14.32 -0.48 -6.16
CA LYS A 1082 -15.40 0.30 -6.78
C LYS A 1082 -14.89 1.62 -7.34
N PHE A 1083 -13.82 2.18 -6.77
CA PHE A 1083 -13.13 3.25 -7.47
C PHE A 1083 -12.51 2.74 -8.77
N GLN A 1084 -11.97 1.52 -8.75
CA GLN A 1084 -11.35 0.94 -9.94
C GLN A 1084 -12.35 0.21 -10.82
N SER A 1085 -13.60 0.07 -10.37
CA SER A 1085 -14.65 -0.46 -11.23
C SER A 1085 -14.91 0.51 -12.39
N ILE A 1086 -15.03 1.79 -12.08
CA ILE A 1086 -14.97 2.81 -13.12
C ILE A 1086 -13.49 3.04 -13.40
N ASP A 1087 -13.16 3.73 -14.50
CA ASP A 1087 -11.77 3.91 -14.90
C ASP A 1087 -11.12 5.04 -14.10
N TYR A 1088 -11.15 4.89 -12.78
CA TYR A 1088 -10.54 5.85 -11.86
C TYR A 1088 -9.42 5.11 -11.13
N SER A 1089 -8.18 5.57 -11.30
CA SER A 1089 -7.00 4.91 -10.76
C SER A 1089 -6.64 5.45 -9.38
N CYS A 1090 -6.84 4.65 -8.34
CA CYS A 1090 -6.67 5.11 -6.96
C CYS A 1090 -5.57 4.31 -6.27
N GLY A 1091 -4.67 5.02 -5.58
CA GLY A 1091 -3.70 4.41 -4.70
C GLY A 1091 -4.25 4.38 -3.29
N PHE A 1092 -3.47 3.82 -2.36
CA PHE A 1092 -3.99 3.70 -1.00
C PHE A 1092 -2.86 3.84 0.01
N CYS A 1093 -2.99 4.80 0.91
CA CYS A 1093 -1.95 5.16 1.87
C CYS A 1093 -2.19 4.53 3.23
N GLY A 1094 -2.29 3.21 3.28
CA GLY A 1094 -2.63 2.56 4.53
C GLY A 1094 -1.43 2.14 5.36
N ASP A 1095 -1.67 1.86 6.64
CA ASP A 1095 -0.57 1.38 7.49
C ASP A 1095 -0.90 0.12 8.28
N GLY A 1096 -2.12 -0.01 8.79
CA GLY A 1096 -2.43 -1.07 9.73
C GLY A 1096 -2.81 -2.37 9.05
N ALA A 1097 -3.14 -3.36 9.88
CA ALA A 1097 -3.62 -4.62 9.34
C ALA A 1097 -5.04 -4.52 8.80
N ASN A 1098 -5.77 -3.45 9.12
CA ASN A 1098 -7.03 -3.18 8.42
C ASN A 1098 -6.80 -2.96 6.95
N ASP A 1099 -5.64 -2.41 6.59
CA ASP A 1099 -5.44 -1.83 5.29
C ASP A 1099 -4.97 -2.86 4.27
N CYS A 1100 -4.62 -4.07 4.72
CA CYS A 1100 -4.00 -5.07 3.87
C CYS A 1100 -4.94 -5.53 2.76
N ALA A 1101 -6.25 -5.54 3.03
CA ALA A 1101 -7.20 -5.85 1.97
C ALA A 1101 -7.24 -4.76 0.91
N ALA A 1102 -7.10 -3.50 1.33
CA ALA A 1102 -7.22 -2.37 0.42
C ALA A 1102 -5.86 -1.84 -0.02
N LEU A 1103 -4.79 -2.57 0.24
CA LEU A 1103 -3.44 -2.15 -0.14
C LEU A 1103 -2.93 -2.89 -1.37
N LYS A 1104 -3.17 -4.20 -1.47
CA LYS A 1104 -2.80 -4.93 -2.67
C LYS A 1104 -3.79 -4.67 -3.81
N ALA A 1105 -5.06 -4.48 -3.48
CA ALA A 1105 -6.06 -4.23 -4.51
C ALA A 1105 -5.87 -2.88 -5.20
N ALA A 1106 -5.38 -1.89 -4.47
CA ALA A 1106 -5.09 -0.60 -5.08
C ALA A 1106 -3.84 -0.70 -5.96
N ASP A 1107 -3.68 0.30 -6.83
CA ASP A 1107 -2.53 0.31 -7.74
C ASP A 1107 -1.24 0.58 -6.99
N VAL A 1108 -1.14 1.76 -6.36
CA VAL A 1108 0.07 2.14 -5.66
C VAL A 1108 -0.20 2.16 -4.16
N GLY A 1109 0.05 1.04 -3.49
CA GLY A 1109 -0.22 0.93 -2.08
C GLY A 1109 0.98 1.24 -1.20
N ILE A 1110 1.01 2.45 -0.65
CA ILE A 1110 2.11 2.87 0.22
C ILE A 1110 1.80 2.44 1.65
N SER A 1111 2.73 1.73 2.27
CA SER A 1111 2.56 1.25 3.63
C SER A 1111 3.39 2.11 4.57
N LEU A 1112 2.73 2.79 5.51
CA LEU A 1112 3.46 3.61 6.47
C LEU A 1112 4.12 2.76 7.55
N SER A 1113 3.45 1.71 8.01
CA SER A 1113 4.05 0.82 8.99
C SER A 1113 5.16 0.00 8.34
N GLU A 1114 6.33 0.01 8.97
CA GLU A 1114 7.47 -0.72 8.42
C GLU A 1114 7.26 -2.23 8.49
N ALA A 1115 6.76 -2.73 9.61
CA ALA A 1115 6.60 -4.17 9.79
C ALA A 1115 5.25 -4.66 9.30
N GLU A 1116 4.17 -4.09 9.80
CA GLU A 1116 2.83 -4.54 9.44
C GLU A 1116 2.38 -3.91 8.13
N ALA A 1117 1.59 -4.67 7.38
CA ALA A 1117 1.02 -4.29 6.08
C ALA A 1117 2.08 -3.96 5.05
N SER A 1118 3.28 -4.52 5.20
CA SER A 1118 4.36 -4.30 4.24
C SER A 1118 4.91 -5.61 3.70
N VAL A 1119 4.20 -6.73 3.92
CA VAL A 1119 4.68 -8.01 3.43
C VAL A 1119 4.63 -8.09 1.90
N ALA A 1120 3.61 -7.47 1.30
CA ALA A 1120 3.52 -7.43 -0.15
C ALA A 1120 3.02 -6.08 -0.67
N ALA A 1121 3.00 -5.05 0.16
CA ALA A 1121 2.70 -3.71 -0.32
C ALA A 1121 3.80 -3.23 -1.26
N PRO A 1122 3.45 -2.61 -2.39
CA PRO A 1122 4.48 -2.19 -3.35
C PRO A 1122 5.42 -1.12 -2.84
N PHE A 1123 5.07 -0.38 -1.78
CA PHE A 1123 5.94 0.63 -1.23
C PHE A 1123 5.84 0.62 0.29
N THR A 1124 6.91 1.06 0.94
CA THR A 1124 6.95 1.11 2.40
C THR A 1124 7.81 2.28 2.81
N SER A 1125 7.26 3.20 3.59
CA SER A 1125 7.95 4.43 3.94
C SER A 1125 8.62 4.29 5.31
N GLN A 1126 9.88 4.71 5.40
CA GLN A 1126 10.56 4.74 6.68
C GLN A 1126 10.07 5.90 7.54
N ILE A 1127 9.78 7.04 6.91
CA ILE A 1127 9.24 8.19 7.63
C ILE A 1127 7.72 8.00 7.76
N PHE A 1128 7.21 8.22 8.97
CA PHE A 1128 5.83 7.87 9.31
C PHE A 1128 4.91 9.08 9.17
N ASP A 1129 4.78 9.56 7.94
CA ASP A 1129 3.89 10.67 7.63
C ASP A 1129 3.55 10.64 6.15
N ILE A 1130 2.75 11.62 5.72
CA ILE A 1130 2.26 11.67 4.35
C ILE A 1130 3.24 12.36 3.41
N ARG A 1131 4.37 12.86 3.92
CA ARG A 1131 5.38 13.49 3.08
C ARG A 1131 5.95 12.54 2.04
N CYS A 1132 5.87 11.23 2.28
CA CYS A 1132 6.34 10.25 1.30
C CYS A 1132 5.41 10.13 0.11
N VAL A 1133 4.15 10.53 0.24
CA VAL A 1133 3.18 10.43 -0.86
C VAL A 1133 3.52 11.32 -2.04
N PRO A 1134 3.97 12.60 -1.87
CA PRO A 1134 4.44 13.34 -3.06
C PRO A 1134 5.51 12.63 -3.88
N GLU A 1135 6.62 12.21 -3.27
CA GLU A 1135 7.73 11.62 -4.01
C GLU A 1135 7.28 10.39 -4.79
N VAL A 1136 6.64 9.43 -4.11
CA VAL A 1136 6.17 8.21 -4.75
C VAL A 1136 5.13 8.50 -5.82
N ILE A 1137 4.52 9.69 -5.82
CA ILE A 1137 3.74 10.11 -6.96
C ILE A 1137 4.63 10.74 -8.03
N ARG A 1138 5.39 11.76 -7.66
CA ARG A 1138 6.06 12.58 -8.67
C ARG A 1138 7.18 11.80 -9.35
N GLU A 1139 7.95 11.02 -8.59
CA GLU A 1139 8.94 10.14 -9.18
C GLU A 1139 8.27 9.13 -10.10
N GLY A 1140 7.08 8.66 -9.70
CA GLY A 1140 6.30 7.80 -10.58
C GLY A 1140 6.00 8.46 -11.91
N ARG A 1141 5.62 9.75 -11.88
CA ARG A 1141 5.46 10.50 -13.11
C ARG A 1141 6.79 10.61 -13.84
N ALA A 1142 7.87 10.88 -13.08
CA ALA A 1142 9.21 10.88 -13.65
C ALA A 1142 9.63 9.49 -14.10
N SER A 1143 8.98 8.44 -13.63
CA SER A 1143 9.23 7.09 -14.12
C SER A 1143 8.22 6.67 -15.18
N LEU A 1144 7.24 7.50 -15.50
CA LEU A 1144 6.26 7.16 -16.53
C LEU A 1144 6.65 7.74 -17.88
N VAL A 1145 6.73 9.06 -17.98
CA VAL A 1145 6.98 9.71 -19.27
C VAL A 1145 8.36 9.33 -19.80
N THR A 1146 9.34 9.21 -18.89
CA THR A 1146 10.67 8.74 -19.28
C THR A 1146 10.60 7.35 -19.88
N SER A 1147 9.78 6.46 -19.30
CA SER A 1147 9.55 5.16 -19.90
C SER A 1147 8.98 5.30 -21.31
N PHE A 1148 8.01 6.20 -21.49
CA PHE A 1148 7.52 6.47 -22.84
C PHE A 1148 8.59 7.17 -23.66
N SER A 1149 9.44 7.98 -23.02
CA SER A 1149 10.58 8.57 -23.71
C SER A 1149 11.59 7.52 -24.14
N CYS A 1150 11.54 6.32 -23.54
CA CYS A 1150 12.26 5.20 -24.13
C CYS A 1150 11.43 4.53 -25.20
N PHE A 1151 10.12 4.38 -24.96
CA PHE A 1151 9.25 3.73 -25.93
C PHE A 1151 9.15 4.50 -27.23
N LYS A 1152 9.09 5.84 -27.15
CA LYS A 1152 9.12 6.63 -28.36
C LYS A 1152 10.50 6.65 -29.00
N TYR A 1153 11.55 6.29 -28.27
CA TYR A 1153 12.89 6.35 -28.82
C TYR A 1153 13.34 5.02 -29.40
N MET A 1154 13.06 3.92 -28.71
CA MET A 1154 13.58 2.63 -29.13
C MET A 1154 12.85 2.13 -30.38
N SER A 1155 11.52 2.21 -30.38
CA SER A 1155 10.74 1.75 -31.54
C SER A 1155 11.05 2.58 -32.77
N LEU A 1156 11.25 3.89 -32.59
CA LEU A 1156 11.72 4.75 -33.66
C LEU A 1156 13.07 4.26 -34.18
N TYR A 1157 13.95 3.84 -33.27
CA TYR A 1157 15.21 3.19 -33.65
C TYR A 1157 15.01 2.00 -34.58
N SER A 1158 13.92 1.25 -34.41
CA SER A 1158 13.64 0.17 -35.32
C SER A 1158 13.42 0.70 -36.74
N PHE A 1159 12.57 1.73 -36.86
CA PHE A 1159 12.09 2.15 -38.18
C PHE A 1159 13.22 2.71 -39.03
N ILE A 1160 14.09 3.54 -38.46
CA ILE A 1160 15.24 4.05 -39.20
C ILE A 1160 16.12 2.90 -39.65
N GLN A 1161 16.27 1.87 -38.80
CA GLN A 1161 17.03 0.69 -39.17
C GLN A 1161 16.47 0.07 -40.45
N PHE A 1162 15.14 0.01 -40.55
CA PHE A 1162 14.52 -0.51 -41.77
C PHE A 1162 14.89 0.34 -42.98
N THR A 1163 14.87 1.66 -42.82
CA THR A 1163 15.36 2.53 -43.88
C THR A 1163 16.84 2.28 -44.13
N SER A 1164 17.62 2.11 -43.05
CA SER A 1164 19.03 1.79 -43.18
C SER A 1164 19.25 0.43 -43.84
N VAL A 1165 18.22 -0.40 -43.91
CA VAL A 1165 18.26 -1.59 -44.73
C VAL A 1165 17.64 -1.33 -46.10
N SER A 1166 16.50 -0.63 -46.16
CA SER A 1166 15.68 -0.61 -47.36
C SER A 1166 16.39 0.10 -48.51
N PHE A 1167 16.96 1.26 -48.24
CA PHE A 1167 17.74 1.97 -49.26
C PHE A 1167 18.96 1.16 -49.68
N LEU A 1168 19.53 0.37 -48.76
CA LEU A 1168 20.63 -0.51 -49.13
C LEU A 1168 20.17 -1.62 -50.06
N TYR A 1169 18.89 -1.98 -50.02
CA TYR A 1169 18.34 -2.90 -51.01
C TYR A 1169 18.20 -2.28 -52.38
N VAL A 1170 18.34 -0.95 -52.50
CA VAL A 1170 18.44 -0.34 -53.82
C VAL A 1170 19.71 -0.80 -54.52
N SER A 1171 20.84 -0.83 -53.80
CA SER A 1171 22.10 -1.29 -54.34
C SER A 1171 22.40 -2.74 -53.99
N ALA A 1172 21.36 -3.51 -53.62
CA ALA A 1172 21.43 -4.95 -53.36
C ALA A 1172 22.35 -5.32 -52.19
N SER A 1173 22.71 -4.35 -51.36
CA SER A 1173 23.44 -4.62 -50.12
C SER A 1173 22.47 -4.72 -48.96
N ASN A 1174 22.97 -5.23 -47.83
CA ASN A 1174 22.13 -5.41 -46.65
C ASN A 1174 22.50 -4.45 -45.52
N LEU A 1175 23.73 -4.50 -45.03
CA LEU A 1175 24.17 -3.73 -43.87
C LEU A 1175 25.69 -3.89 -43.76
N GLY A 1176 26.24 -3.33 -42.70
CA GLY A 1176 27.64 -3.56 -42.34
C GLY A 1176 27.71 -4.41 -41.08
N ASP A 1177 28.72 -5.30 -41.05
CA ASP A 1177 28.88 -6.20 -39.91
C ASP A 1177 29.29 -5.43 -38.66
N PHE A 1178 30.14 -4.42 -38.81
CA PHE A 1178 30.69 -3.71 -37.66
C PHE A 1178 29.99 -2.38 -37.41
N GLN A 1179 29.42 -1.75 -38.44
CA GLN A 1179 28.75 -0.47 -38.24
C GLN A 1179 27.48 -0.63 -37.40
N PHE A 1180 26.73 -1.73 -37.61
CA PHE A 1180 25.55 -1.98 -36.79
C PHE A 1180 25.94 -2.29 -35.35
N LEU A 1181 27.04 -3.01 -35.15
CA LEU A 1181 27.53 -3.30 -33.81
C LEU A 1181 27.97 -2.03 -33.09
N TYR A 1182 28.57 -1.10 -33.83
CA TYR A 1182 28.96 0.19 -33.25
C TYR A 1182 27.74 1.04 -32.94
N ILE A 1183 26.72 1.00 -33.82
CA ILE A 1183 25.52 1.79 -33.60
C ILE A 1183 24.78 1.32 -32.35
N ASP A 1184 24.57 0.01 -32.24
CA ASP A 1184 23.69 -0.50 -31.19
C ASP A 1184 24.35 -0.42 -29.81
N LEU A 1185 25.63 -0.74 -29.73
CA LEU A 1185 26.28 -0.77 -28.43
C LEU A 1185 26.90 0.57 -28.05
N MET A 1186 27.74 1.13 -28.92
CA MET A 1186 28.54 2.27 -28.52
C MET A 1186 27.81 3.60 -28.66
N LEU A 1187 26.58 3.61 -29.18
CA LEU A 1187 25.90 4.88 -29.33
C LEU A 1187 24.45 4.84 -28.84
N ILE A 1188 23.79 3.69 -28.91
CA ILE A 1188 22.40 3.62 -28.47
C ILE A 1188 22.32 3.42 -26.96
N LEU A 1189 23.05 2.45 -26.42
CA LEU A 1189 23.02 2.20 -24.98
C LEU A 1189 23.50 3.38 -24.15
N PRO A 1190 24.63 4.06 -24.45
CA PRO A 1190 24.97 5.26 -23.67
C PRO A 1190 23.96 6.39 -23.81
N ILE A 1191 23.16 6.39 -24.86
CA ILE A 1191 22.06 7.34 -24.94
C ILE A 1191 20.84 6.82 -24.19
N ALA A 1192 20.51 5.54 -24.36
CA ALA A 1192 19.27 5.00 -23.81
C ALA A 1192 19.30 4.93 -22.29
N VAL A 1193 20.36 4.37 -21.71
CA VAL A 1193 20.34 4.17 -20.26
C VAL A 1193 20.71 5.44 -19.50
N PHE A 1194 21.34 6.41 -20.16
CA PHE A 1194 21.67 7.67 -19.51
C PHE A 1194 20.64 8.76 -19.75
N MET A 1195 19.76 8.58 -20.75
CA MET A 1195 18.60 9.45 -20.86
C MET A 1195 17.62 9.17 -19.73
N SER A 1196 17.50 7.91 -19.34
CA SER A 1196 16.59 7.52 -18.26
C SER A 1196 17.29 7.51 -16.91
N TRP A 1197 17.99 8.60 -16.58
CA TRP A 1197 18.61 8.77 -15.26
C TRP A 1197 18.50 10.25 -14.88
N ALA A 1198 17.39 10.61 -14.23
CA ALA A 1198 17.13 11.97 -13.79
C ALA A 1198 15.94 11.94 -12.84
N GLY A 1199 16.04 12.69 -11.75
CA GLY A 1199 14.97 12.74 -10.79
C GLY A 1199 13.83 13.63 -11.24
N PRO A 1200 12.76 13.64 -10.44
CA PRO A 1200 11.61 14.48 -10.77
C PRO A 1200 11.88 15.96 -10.57
N HIS A 1201 10.89 16.80 -10.91
CA HIS A 1201 11.05 18.25 -10.85
C HIS A 1201 10.98 18.80 -9.43
N SER A 1202 10.65 17.96 -8.44
CA SER A 1202 10.42 18.38 -7.04
C SER A 1202 9.32 19.42 -6.94
N LYS A 1203 8.33 19.34 -7.83
CA LYS A 1203 7.16 20.22 -7.79
C LYS A 1203 6.04 19.45 -8.49
N LEU A 1204 5.12 18.90 -7.71
CA LEU A 1204 4.09 18.00 -8.25
C LEU A 1204 3.09 18.83 -9.04
N CYS A 1205 3.24 18.82 -10.36
CA CYS A 1205 2.42 19.65 -11.24
C CYS A 1205 0.98 19.12 -11.31
N ALA A 1206 0.07 20.03 -11.65
CA ALA A 1206 -1.34 19.66 -11.73
C ALA A 1206 -1.62 18.81 -12.96
N LYS A 1207 -0.98 19.12 -14.09
CA LYS A 1207 -1.21 18.38 -15.32
C LYS A 1207 -0.56 17.00 -15.24
N ARG A 1208 -1.21 16.02 -15.89
CA ARG A 1208 -0.82 14.62 -15.86
C ARG A 1208 -0.14 14.23 -17.17
N PRO A 1209 0.83 13.32 -17.12
CA PRO A 1209 1.47 12.87 -18.35
C PRO A 1209 0.53 12.04 -19.21
N VAL A 1210 0.80 12.06 -20.51
CA VAL A 1210 0.04 11.22 -21.45
C VAL A 1210 0.41 9.77 -21.17
N SER A 1211 -0.55 9.01 -20.64
CA SER A 1211 -0.33 7.65 -20.18
C SER A 1211 -1.08 6.63 -21.04
N ASP A 1212 -1.32 6.96 -22.30
CA ASP A 1212 -2.04 6.09 -23.22
C ASP A 1212 -1.15 5.73 -24.40
N LEU A 1213 -1.09 4.44 -24.72
CA LEU A 1213 -0.38 3.96 -25.90
C LEU A 1213 -1.31 3.79 -27.09
N VAL A 1214 -2.55 4.25 -26.98
CA VAL A 1214 -3.48 4.27 -28.11
C VAL A 1214 -3.69 5.68 -28.64
N SER A 1215 -3.54 6.70 -27.79
CA SER A 1215 -3.92 8.06 -28.11
C SER A 1215 -3.03 8.65 -29.21
N ARG A 1216 -3.50 9.76 -29.78
CA ARG A 1216 -2.77 10.43 -30.84
C ARG A 1216 -1.46 11.04 -30.34
N LYS A 1217 -1.41 11.43 -29.07
CA LYS A 1217 -0.28 12.15 -28.50
C LYS A 1217 1.01 11.31 -28.45
N VAL A 1218 0.92 10.01 -28.64
CA VAL A 1218 2.09 9.14 -28.69
C VAL A 1218 2.34 8.63 -30.11
N LEU A 1219 1.30 8.16 -30.78
CA LEU A 1219 1.46 7.58 -32.11
C LEU A 1219 1.79 8.63 -33.15
N VAL A 1220 1.06 9.75 -33.15
CA VAL A 1220 1.29 10.79 -34.17
C VAL A 1220 2.67 11.41 -34.07
N PRO A 1221 3.18 11.82 -32.88
CA PRO A 1221 4.59 12.26 -32.85
C PRO A 1221 5.57 11.17 -33.25
N LEU A 1222 5.33 9.92 -32.89
CA LEU A 1222 6.27 8.86 -33.23
C LEU A 1222 6.35 8.63 -34.74
N LEU A 1223 5.19 8.46 -35.39
CA LEU A 1223 5.16 8.24 -36.83
C LEU A 1223 5.65 9.46 -37.59
N SER A 1224 5.32 10.66 -37.10
CA SER A 1224 5.75 11.88 -37.77
C SER A 1224 7.26 12.13 -37.62
N HIS A 1225 7.84 11.83 -36.44
CA HIS A 1225 9.30 11.85 -36.33
C HIS A 1225 9.95 10.82 -37.24
N VAL A 1226 9.36 9.62 -37.34
CA VAL A 1226 9.91 8.62 -38.25
C VAL A 1226 9.89 9.15 -39.69
N PHE A 1227 8.78 9.76 -40.10
CA PHE A 1227 8.68 10.24 -41.48
C PHE A 1227 9.63 11.40 -41.75
N VAL A 1228 9.77 12.33 -40.80
CA VAL A 1228 10.72 13.42 -41.02
C VAL A 1228 12.16 12.94 -40.92
N CYS A 1229 12.42 11.79 -40.29
CA CYS A 1229 13.75 11.20 -40.37
C CYS A 1229 13.99 10.55 -41.74
N VAL A 1230 12.97 9.85 -42.25
CA VAL A 1230 13.09 9.19 -43.55
C VAL A 1230 13.28 10.21 -44.65
N MET A 1231 12.59 11.36 -44.55
CA MET A 1231 12.72 12.38 -45.58
C MET A 1231 14.12 12.98 -45.62
N ILE A 1232 14.75 13.22 -44.46
CA ILE A 1232 16.09 13.78 -44.47
C ILE A 1232 17.12 12.73 -44.86
N GLN A 1233 16.90 11.47 -44.49
CA GLN A 1233 17.81 10.41 -44.94
C GLN A 1233 17.71 10.21 -46.45
N ALA A 1234 16.50 10.28 -46.98
CA ALA A 1234 16.31 10.20 -48.43
C ALA A 1234 16.88 11.42 -49.14
N LEU A 1235 16.83 12.60 -48.51
CA LEU A 1235 17.47 13.78 -49.09
C LEU A 1235 18.98 13.59 -49.16
N ALA A 1236 19.57 13.03 -48.11
CA ALA A 1236 21.00 12.72 -48.15
C ALA A 1236 21.32 11.69 -49.23
N TRP A 1237 20.45 10.69 -49.39
CA TRP A 1237 20.67 9.65 -50.39
C TRP A 1237 20.57 10.19 -51.82
N VAL A 1238 19.52 10.97 -52.12
CA VAL A 1238 19.41 11.60 -53.42
C VAL A 1238 20.58 12.57 -53.65
N ALA A 1239 21.03 13.25 -52.58
CA ALA A 1239 22.15 14.17 -52.73
C ALA A 1239 23.41 13.44 -53.16
N VAL A 1240 23.76 12.36 -52.46
CA VAL A 1240 24.99 11.63 -52.79
C VAL A 1240 24.85 10.92 -54.13
N ARG A 1241 23.65 10.43 -54.48
CA ARG A 1241 23.47 9.75 -55.76
C ARG A 1241 23.71 10.69 -56.94
N GLN A 1242 23.26 11.93 -56.85
CA GLN A 1242 23.49 12.91 -57.91
C GLN A 1242 24.75 13.73 -57.66
N GLN A 1243 25.48 13.46 -56.59
CA GLN A 1243 26.74 14.13 -56.34
C GLN A 1243 27.79 13.53 -57.27
N PRO A 1244 28.41 14.32 -58.17
CA PRO A 1244 29.29 13.73 -59.19
C PRO A 1244 30.78 13.65 -58.91
N TRP A 1245 31.32 14.26 -57.84
CA TRP A 1245 32.76 14.22 -57.64
C TRP A 1245 33.24 12.78 -57.43
N TYR A 1246 32.46 11.99 -56.67
CA TYR A 1246 32.74 10.57 -56.47
C TYR A 1246 31.52 9.80 -56.97
N ILE A 1247 31.73 8.91 -57.92
CA ILE A 1247 30.65 8.03 -58.40
C ILE A 1247 30.27 7.06 -57.29
N PRO A 1248 28.98 6.83 -57.03
CA PRO A 1248 28.59 5.84 -56.03
C PRO A 1248 28.73 4.42 -56.57
N PRO A 1249 29.70 3.65 -56.06
CA PRO A 1249 29.99 2.33 -56.63
C PRO A 1249 28.99 1.27 -56.17
N ILE A 1250 28.13 0.84 -57.09
CA ILE A 1250 27.24 -0.29 -56.82
C ILE A 1250 28.00 -1.53 -57.29
N VAL A 1251 28.61 -2.24 -56.34
CA VAL A 1251 29.43 -3.40 -56.67
C VAL A 1251 28.58 -4.53 -57.25
N ASP A 1252 27.38 -4.75 -56.70
CA ASP A 1252 26.37 -5.76 -57.05
C ASP A 1252 26.88 -7.11 -57.58
N SER A 1256 25.71 -8.93 -48.02
CA SER A 1256 27.00 -9.48 -48.41
C SER A 1256 27.95 -8.38 -48.85
N ASN A 1257 27.49 -7.55 -49.79
CA ASN A 1257 28.26 -6.42 -50.28
C ASN A 1257 28.38 -5.36 -49.18
N ILE A 1258 29.60 -5.05 -48.76
CA ILE A 1258 29.82 -4.18 -47.62
C ILE A 1258 30.65 -2.95 -47.92
N GLU A 1259 31.37 -2.90 -49.05
CA GLU A 1259 32.29 -1.81 -49.32
C GLU A 1259 31.65 -0.66 -50.10
N ASN A 1260 30.33 -0.53 -50.03
CA ASN A 1260 29.64 0.55 -50.74
C ASN A 1260 29.97 1.90 -50.11
N SER A 1261 30.24 2.89 -50.95
CA SER A 1261 30.31 4.26 -50.46
C SER A 1261 28.92 4.77 -50.08
N GLU A 1262 27.88 4.28 -50.76
CA GLU A 1262 26.51 4.59 -50.37
C GLU A 1262 26.21 4.09 -48.97
N ASN A 1263 26.72 2.90 -48.64
CA ASN A 1263 26.54 2.35 -47.30
C ASN A 1263 27.19 3.23 -46.24
N THR A 1264 28.39 3.74 -46.50
CA THR A 1264 29.06 4.61 -45.54
C THR A 1264 28.35 5.95 -45.40
N THR A 1265 27.97 6.56 -46.53
CA THR A 1265 27.34 7.88 -46.45
C THR A 1265 25.90 7.81 -45.97
N LEU A 1266 25.29 6.62 -45.96
CA LEU A 1266 23.99 6.46 -45.32
C LEU A 1266 24.13 6.04 -43.87
N PHE A 1267 25.18 5.29 -43.53
CA PHE A 1267 25.45 4.93 -42.15
C PHE A 1267 25.76 6.16 -41.31
N PHE A 1268 26.52 7.11 -41.87
CA PHE A 1268 26.82 8.33 -41.12
C PHE A 1268 25.58 9.19 -40.92
N ALA A 1269 24.72 9.28 -41.93
CA ALA A 1269 23.47 10.03 -41.79
C ALA A 1269 22.56 9.40 -40.77
N SER A 1270 22.38 8.07 -40.83
CA SER A 1270 21.56 7.39 -39.84
C SER A 1270 22.20 7.42 -38.45
N CYS A 1271 23.53 7.50 -38.39
CA CYS A 1271 24.23 7.65 -37.12
C CYS A 1271 23.90 8.99 -36.49
N PHE A 1272 23.95 10.06 -37.28
CA PHE A 1272 23.51 11.37 -36.80
C PHE A 1272 22.05 11.36 -36.40
N GLU A 1273 21.23 10.61 -37.14
CA GLU A 1273 19.81 10.47 -36.79
C GLU A 1273 19.64 9.87 -35.40
N TYR A 1274 20.31 8.74 -35.16
CA TYR A 1274 20.21 8.07 -33.86
C TYR A 1274 20.76 8.93 -32.73
N ILE A 1275 21.83 9.68 -32.99
CA ILE A 1275 22.53 10.36 -31.91
C ILE A 1275 21.91 11.73 -31.63
N LEU A 1276 21.15 12.29 -32.57
CA LEU A 1276 20.39 13.50 -32.31
C LEU A 1276 18.95 13.23 -31.92
N SER A 1277 18.39 12.05 -32.21
CA SER A 1277 17.01 11.80 -31.80
C SER A 1277 16.87 11.56 -30.31
N GLY A 1278 17.97 11.26 -29.60
CA GLY A 1278 17.86 11.06 -28.16
C GLY A 1278 17.70 12.34 -27.36
N VAL A 1279 18.32 13.44 -27.81
CA VAL A 1279 18.19 14.69 -27.08
C VAL A 1279 16.79 15.29 -27.27
N VAL A 1280 16.25 15.23 -28.49
CA VAL A 1280 14.94 15.80 -28.77
C VAL A 1280 13.85 15.01 -28.05
N LEU A 1281 13.92 13.69 -28.09
CA LEU A 1281 12.90 12.84 -27.50
C LEU A 1281 13.00 12.74 -25.98
N ASN A 1282 14.05 13.28 -25.39
CA ASN A 1282 14.20 13.28 -23.93
C ASN A 1282 13.22 14.27 -23.33
N ALA A 1283 12.07 13.77 -22.88
CA ALA A 1283 11.03 14.61 -22.28
C ALA A 1283 11.42 14.89 -20.84
N GLY A 1284 12.34 15.83 -20.68
CA GLY A 1284 12.89 16.15 -19.38
C GLY A 1284 12.39 17.44 -18.77
N ARG A 1285 12.11 18.43 -19.61
CA ARG A 1285 11.73 19.75 -19.09
C ARG A 1285 10.43 19.78 -18.28
N PRO A 1286 9.28 19.15 -18.69
CA PRO A 1286 8.05 19.39 -17.93
C PRO A 1286 7.98 18.66 -16.59
N PHE A 1287 8.32 17.36 -16.58
CA PHE A 1287 8.09 16.50 -15.42
C PHE A 1287 9.37 15.90 -14.85
N ARG A 1288 10.52 16.49 -15.17
CA ARG A 1288 11.80 15.98 -14.68
C ARG A 1288 12.77 17.15 -14.58
N GLN A 1289 14.03 16.84 -14.27
CA GLN A 1289 15.07 17.84 -14.36
C GLN A 1289 15.35 18.16 -15.83
N SER A 1290 15.69 19.43 -16.09
CA SER A 1290 15.94 19.87 -17.44
C SER A 1290 17.21 19.21 -17.98
N PRO A 1291 17.27 18.98 -19.30
CA PRO A 1291 18.50 18.42 -19.90
C PRO A 1291 19.71 19.35 -19.86
N LEU A 1292 19.59 20.54 -19.26
CA LEU A 1292 20.75 21.41 -19.04
C LEU A 1292 21.73 20.81 -18.04
N GLU A 1293 21.31 19.82 -17.25
CA GLU A 1293 22.18 19.09 -16.34
C GLU A 1293 23.25 18.35 -17.13
N THR A 1294 24.50 18.82 -17.06
CA THR A 1294 25.53 18.34 -17.98
C THR A 1294 25.98 16.92 -17.65
N TRP A 1295 26.20 16.62 -16.37
CA TRP A 1295 26.77 15.34 -15.98
C TRP A 1295 25.91 14.11 -16.32
N PRO A 1296 24.58 14.07 -16.02
CA PRO A 1296 23.83 12.82 -16.29
C PRO A 1296 23.70 12.45 -17.76
N PHE A 1297 23.21 13.37 -18.59
CA PHE A 1297 22.83 13.04 -19.96
C PHE A 1297 23.61 13.82 -21.01
N LEU A 1298 23.92 15.09 -20.76
CA LEU A 1298 24.63 15.89 -21.76
C LEU A 1298 26.06 15.42 -21.96
N SER A 1299 26.70 14.91 -20.90
CA SER A 1299 28.06 14.41 -21.03
C SER A 1299 28.12 13.18 -21.93
N ALA A 1300 27.17 12.27 -21.79
CA ALA A 1300 27.16 11.05 -22.60
C ALA A 1300 26.92 11.37 -24.07
N VAL A 1301 25.91 12.20 -24.36
CA VAL A 1301 25.64 12.57 -25.74
C VAL A 1301 26.78 13.39 -26.32
N ALA A 1302 27.45 14.21 -25.50
CA ALA A 1302 28.59 14.97 -25.98
C ALA A 1302 29.77 14.07 -26.34
N VAL A 1303 30.06 13.08 -25.48
CA VAL A 1303 31.22 12.23 -25.76
C VAL A 1303 30.95 11.31 -26.95
N THR A 1304 29.71 10.84 -27.11
CA THR A 1304 29.44 10.02 -28.29
C THR A 1304 29.35 10.85 -29.57
N LEU A 1305 28.96 12.13 -29.46
CA LEU A 1305 28.99 13.00 -30.63
C LEU A 1305 30.42 13.33 -31.03
N ILE A 1306 31.30 13.52 -30.06
CA ILE A 1306 32.72 13.73 -30.35
C ILE A 1306 33.33 12.47 -30.97
N ALA A 1307 32.93 11.30 -30.48
CA ALA A 1307 33.41 10.05 -31.07
C ALA A 1307 32.93 9.90 -32.52
N THR A 1308 31.67 10.24 -32.78
CA THR A 1308 31.14 10.17 -34.15
C THR A 1308 31.83 11.18 -35.06
N LEU A 1309 32.11 12.38 -34.56
CA LEU A 1309 32.81 13.38 -35.37
C LEU A 1309 34.25 12.96 -35.65
N LEU A 1310 34.88 12.29 -34.68
CA LEU A 1310 36.20 11.71 -34.93
C LEU A 1310 36.13 10.58 -35.96
N MET A 1311 35.03 9.83 -35.95
CA MET A 1311 34.82 8.81 -36.98
C MET A 1311 34.65 9.46 -38.36
N LEU A 1312 34.02 10.63 -38.42
CA LEU A 1312 33.71 11.26 -39.70
C LEU A 1312 34.80 12.21 -40.17
N LEU A 1313 35.07 13.28 -39.41
CA LEU A 1313 35.92 14.36 -39.90
C LEU A 1313 37.39 13.94 -39.99
N VAL A 1314 37.92 13.32 -38.95
CA VAL A 1314 39.33 12.92 -38.96
C VAL A 1314 39.44 11.43 -38.60
N PRO A 1315 39.06 10.53 -39.51
CA PRO A 1315 39.14 9.11 -39.21
C PRO A 1315 40.57 8.61 -39.25
N PRO A 1316 41.03 7.97 -38.18
CA PRO A 1316 42.39 7.41 -38.19
C PRO A 1316 42.45 6.15 -39.05
N TYR A 1317 43.69 5.72 -39.30
CA TYR A 1317 43.92 4.50 -40.08
C TYR A 1317 43.44 3.26 -39.32
N TRP A 1318 43.52 3.28 -37.99
CA TRP A 1318 43.15 2.12 -37.17
C TRP A 1318 41.69 1.74 -37.39
N LEU A 1319 40.80 2.73 -37.37
CA LEU A 1319 39.39 2.46 -37.66
C LEU A 1319 39.18 2.00 -39.11
N PHE A 1320 40.09 2.34 -40.02
CA PHE A 1320 40.02 1.78 -41.36
C PHE A 1320 40.24 0.27 -41.34
N GLU A 1321 41.02 -0.23 -40.38
CA GLU A 1321 41.10 -1.68 -40.19
C GLU A 1321 39.81 -2.24 -39.61
N PHE A 1322 39.04 -1.41 -38.91
CA PHE A 1322 37.78 -1.83 -38.31
C PHE A 1322 36.62 -1.55 -39.26
N MET A 1323 36.39 -0.27 -39.56
CA MET A 1323 35.26 0.14 -40.36
C MET A 1323 35.59 -0.09 -41.84
N GLN A 1324 34.56 0.01 -42.70
CA GLN A 1324 34.69 -0.16 -44.13
C GLN A 1324 34.55 1.17 -44.86
N LEU A 1325 34.85 2.26 -44.16
CA LEU A 1325 34.66 3.61 -44.67
C LEU A 1325 35.56 3.90 -45.86
N THR A 1326 35.08 4.80 -46.73
CA THR A 1326 35.81 5.28 -47.89
C THR A 1326 36.03 6.78 -47.74
N TRP A 1327 36.83 7.33 -48.65
CA TRP A 1327 37.19 8.74 -48.56
C TRP A 1327 35.98 9.62 -48.85
N MET A 1328 35.93 10.75 -48.15
CA MET A 1328 34.87 11.73 -48.37
C MET A 1328 35.48 13.13 -48.43
N SER A 1329 34.87 13.99 -49.24
CA SER A 1329 35.33 15.37 -49.38
C SER A 1329 34.93 16.19 -48.16
N TRP A 1330 35.71 17.25 -47.91
CA TRP A 1330 35.39 18.17 -46.83
C TRP A 1330 34.04 18.85 -47.04
N THR A 1331 33.75 19.24 -48.29
CA THR A 1331 32.50 19.94 -48.58
C THR A 1331 31.29 19.07 -48.30
N PHE A 1332 31.33 17.80 -48.72
CA PHE A 1332 30.23 16.89 -48.43
C PHE A 1332 30.10 16.66 -46.93
N LYS A 1333 31.24 16.57 -46.22
CA LYS A 1333 31.20 16.39 -44.77
C LYS A 1333 30.51 17.57 -44.09
N ILE A 1334 30.80 18.79 -44.56
CA ILE A 1334 30.15 19.99 -44.03
C ILE A 1334 28.65 19.93 -44.31
N THR A 1335 28.28 19.53 -45.54
CA THR A 1335 26.86 19.45 -45.87
C THR A 1335 26.16 18.41 -44.99
N LEU A 1336 26.84 17.27 -44.73
CA LEU A 1336 26.31 16.25 -43.83
C LEU A 1336 26.04 16.82 -42.45
N ILE A 1337 26.96 17.64 -41.95
CA ILE A 1337 26.77 18.27 -40.64
C ILE A 1337 25.59 19.22 -40.72
N ALA A 1338 25.41 19.88 -41.86
CA ALA A 1338 24.26 20.76 -42.06
C ALA A 1338 22.94 19.98 -42.04
N PHE A 1339 22.89 18.79 -42.67
CA PHE A 1339 21.68 17.97 -42.57
C PHE A 1339 21.41 17.55 -41.13
N GLY A 1340 22.46 17.17 -40.40
CA GLY A 1340 22.28 16.80 -39.00
C GLY A 1340 21.73 17.94 -38.16
N PHE A 1341 22.27 19.14 -38.34
CA PHE A 1341 21.83 20.28 -37.55
C PHE A 1341 20.44 20.77 -37.98
N VAL A 1342 20.10 20.67 -39.27
CA VAL A 1342 18.75 21.08 -39.67
C VAL A 1342 17.73 20.05 -39.20
N TYR A 1343 18.11 18.77 -39.13
CA TYR A 1343 17.22 17.78 -38.54
C TYR A 1343 17.01 18.06 -37.07
N PHE A 1344 18.07 18.41 -36.34
CA PHE A 1344 17.92 18.77 -34.93
C PHE A 1344 17.04 20.00 -34.74
N LEU A 1345 17.23 21.05 -35.53
CA LEU A 1345 16.40 22.24 -35.38
C LEU A 1345 14.94 21.94 -35.71
N ILE A 1346 14.69 21.18 -36.78
CA ILE A 1346 13.33 20.86 -37.20
C ILE A 1346 12.64 20.01 -36.14
N ALA A 1347 13.32 18.98 -35.63
CA ALA A 1347 12.72 18.11 -34.62
C ALA A 1347 12.49 18.85 -33.31
N TRP A 1348 13.41 19.73 -32.91
CA TRP A 1348 13.24 20.44 -31.65
C TRP A 1348 12.12 21.47 -31.74
N THR A 1349 12.00 22.18 -32.86
CA THR A 1349 10.91 23.15 -32.98
C THR A 1349 9.59 22.48 -33.31
N GLY A 1350 9.62 21.22 -33.76
CA GLY A 1350 8.40 20.48 -34.04
C GLY A 1350 7.80 19.82 -32.82
N GLU A 1351 8.60 19.02 -32.12
CA GLU A 1351 8.11 18.21 -31.01
C GLU A 1351 7.53 19.07 -29.89
N HIS A 1352 8.04 20.29 -29.72
CA HIS A 1352 7.59 21.15 -28.65
C HIS A 1352 6.52 22.15 -29.10
N TYR A 1353 6.38 22.40 -30.40
CA TYR A 1353 5.46 23.44 -30.85
C TYR A 1353 4.51 22.97 -31.96
N LEU A 1354 4.96 22.05 -32.82
CA LEU A 1354 4.23 21.73 -34.04
C LEU A 1354 3.74 20.28 -34.09
N PHE A 1355 4.53 19.34 -33.58
CA PHE A 1355 4.18 17.92 -33.67
C PHE A 1355 2.96 17.60 -32.81
N LEU A 1356 2.96 18.09 -31.56
CA LEU A 1356 1.79 17.95 -30.72
C LEU A 1356 0.63 18.81 -31.24
N TRP A 1357 0.93 19.93 -31.90
CA TRP A 1357 -0.10 20.72 -32.55
C TRP A 1357 -0.79 19.92 -33.66
N LEU A 1358 0.00 19.22 -34.47
CA LEU A 1358 -0.57 18.37 -35.52
C LEU A 1358 -1.35 17.22 -34.93
N ALA A 1359 -0.86 16.63 -33.84
CA ALA A 1359 -1.59 15.54 -33.19
C ALA A 1359 -2.92 16.02 -32.63
N ARG A 1360 -2.95 17.22 -32.05
CA ARG A 1360 -4.20 17.76 -31.52
C ARG A 1360 -5.16 18.13 -32.65
N PHE A 1361 -4.65 18.74 -33.73
CA PHE A 1361 -5.51 19.14 -34.84
C PHE A 1361 -6.01 17.95 -35.65
N LEU A 1362 -5.32 16.81 -35.60
CA LEU A 1362 -5.83 15.62 -36.28
C LEU A 1362 -7.05 15.06 -35.56
N GLY A 1363 -7.05 15.10 -34.23
CA GLY A 1363 -8.16 14.60 -33.45
C GLY A 1363 -9.26 15.62 -33.26
N LYS A 1374 -15.21 11.47 -26.81
CA LYS A 1374 -15.40 10.06 -27.08
C LYS A 1374 -14.56 9.20 -26.13
N GLN A 1375 -15.15 8.08 -25.69
CA GLN A 1375 -14.59 7.09 -24.77
C GLN A 1375 -13.91 7.71 -23.54
N ARG A 1376 -14.47 8.81 -23.05
CA ARG A 1376 -13.90 9.50 -21.91
C ARG A 1376 -14.13 8.70 -20.63
N LYS A 1377 -13.28 8.95 -19.63
CA LYS A 1377 -13.33 8.23 -18.37
C LYS A 1377 -14.66 8.49 -17.66
N LEU A 1378 -15.17 7.46 -16.98
CA LEU A 1378 -16.48 7.56 -16.34
C LEU A 1378 -16.53 8.66 -15.28
N TYR A 1379 -15.45 8.81 -14.51
CA TYR A 1379 -15.44 9.79 -13.42
C TYR A 1379 -15.64 11.21 -13.96
N LYS A 1380 -15.01 11.53 -15.09
CA LYS A 1380 -15.15 12.87 -15.66
C LYS A 1380 -16.59 13.14 -16.07
N ILE A 1381 -17.25 12.11 -16.63
CA ILE A 1381 -18.64 12.25 -17.07
C ILE A 1381 -19.53 12.57 -15.88
N VAL A 1382 -19.30 11.89 -14.76
CA VAL A 1382 -20.09 12.12 -13.57
C VAL A 1382 -19.84 13.54 -13.05
N LYS A 1383 -18.58 14.01 -13.14
CA LYS A 1383 -18.26 15.38 -12.73
C LYS A 1383 -19.04 16.40 -13.55
N GLU A 1384 -19.03 16.24 -14.88
CA GLU A 1384 -19.73 17.19 -15.73
C GLU A 1384 -21.24 17.11 -15.49
N LYS A 1385 -21.76 15.89 -15.34
CA LYS A 1385 -23.20 15.71 -15.12
C LYS A 1385 -23.64 16.38 -13.83
N LEU A 1386 -22.89 16.16 -12.73
CA LEU A 1386 -23.28 16.75 -11.45
C LEU A 1386 -23.17 18.27 -11.50
N VAL A 1387 -22.08 18.79 -12.07
CA VAL A 1387 -21.88 20.23 -12.09
C VAL A 1387 -22.93 20.91 -12.96
N PHE A 1388 -23.26 20.31 -14.12
CA PHE A 1388 -24.25 20.91 -15.02
C PHE A 1388 -25.64 20.86 -14.42
N GLU A 1389 -26.04 19.71 -13.85
CA GLU A 1389 -27.33 19.60 -13.18
C GLU A 1389 -27.46 20.61 -12.05
N ASN A 1390 -26.36 20.90 -11.35
CA ASN A 1390 -26.40 21.89 -10.28
C ASN A 1390 -26.50 23.31 -10.80
N LEU A 1391 -26.11 23.57 -12.06
CA LEU A 1391 -26.26 24.91 -12.60
C LEU A 1391 -27.72 25.29 -12.81
N TYR A 1392 -28.59 24.31 -13.06
CA TYR A 1392 -30.00 24.57 -13.30
C TYR A 1392 -30.83 24.63 -12.02
N PHE A 1393 -30.17 24.60 -10.86
CA PHE A 1393 -30.81 24.80 -9.54
C PHE A 1393 -31.85 23.72 -9.21
N GLN A 1394 -31.39 22.47 -9.09
CA GLN A 1394 -32.24 21.45 -8.46
C GLN A 1394 -31.44 20.74 -7.38
BE BEF B . -5.29 2.64 10.04
F1 BEF B . -4.69 1.30 10.45
F2 BEF B . -6.27 3.21 11.10
F3 BEF B . -4.15 3.68 9.85
MG MG C . -4.24 2.85 11.67
#